data_3OVS
#
_entry.id   3OVS
#
_cell.length_a   111.307
_cell.length_b   218.216
_cell.length_c   58.369
_cell.angle_alpha   90.00
_cell.angle_beta   90.00
_cell.angle_gamma   90.00
#
_symmetry.space_group_name_H-M   'P 21 21 2'
#
loop_
_entity.id
_entity.type
_entity.pdbx_description
1 polymer 'CCA-Adding Enzyme'
2 polymer 'RNA (34-MER)'
3 non-polymer "CYTIDINE-5'-TRIPHOSPHATE"
4 non-polymer 'SULFATE ION'
5 non-polymer 1,2-ETHANEDIOL
6 non-polymer 'CALCIUM ION'
7 water water
#
loop_
_entity_poly.entity_id
_entity_poly.type
_entity_poly.pdbx_seq_one_letter_code
_entity_poly.pdbx_strand_id
1 'polypeptide(L)'
;MKVEEILEKALELVIPDEEEVRKGREAEEELRRRLDELGVEYVFVGSYARNTWLKGSLEIDVFLLFPEEFSKEELRERGL
EIGKAVLDSYEIRYAEHPYVHGVVKGVEVDVVPCYKLKEPKNIKSAVDRTPFHHKWLEGRIKGKENEVRLLKGFLKANGI
YGAEYKVRGFSGYLCELLIVFYGSFLETVKNARRWTRRTVIDVAKGEVRKGEEFFVVDPVDEKRNVAANLSLDNLARFVH
LCREFMEAPSLGFFKPKHPLEIEPERLRKIVEERGTAVFAVKFRKPDIVDDNLYPQLERASRKIFEFLERENFMPLRSAF
KASEEFCYLLFECQIKEISRVFRRMGPQFEDERNVKKFLSRNRAFRPFIENGRWWAFEMRKFTTPEEGVRSYASTHWHTL
GKNVGESIREYFEIISGEKLFKEPVTAELCEMMGVKDVCCM
;
A,B
2 'polyribonucleotide' GGAAGUAGAUGGUUCAAGUCCAUUUACUUCCACC C,D
#
loop_
_chem_comp.id
_chem_comp.type
_chem_comp.name
_chem_comp.formula
A RNA linking ADENOSINE-5'-MONOPHOSPHATE 'C10 H14 N5 O7 P'
C RNA linking CYTIDINE-5'-MONOPHOSPHATE 'C9 H14 N3 O8 P'
CA non-polymer 'CALCIUM ION' 'Ca 2'
CTP non-polymer CYTIDINE-5'-TRIPHOSPHATE 'C9 H16 N3 O14 P3'
EDO non-polymer 1,2-ETHANEDIOL 'C2 H6 O2'
G RNA linking GUANOSINE-5'-MONOPHOSPHATE 'C10 H14 N5 O8 P'
SO4 non-polymer 'SULFATE ION' 'O4 S -2'
U RNA linking URIDINE-5'-MONOPHOSPHATE 'C9 H13 N2 O9 P'
#
# COMPACT_ATOMS: atom_id res chain seq x y z
N MET A 1 -6.38 -24.19 -44.18
CA MET A 1 -7.06 -24.16 -42.86
C MET A 1 -8.21 -23.13 -42.89
N LYS A 2 -9.22 -23.43 -43.70
CA LYS A 2 -10.39 -22.57 -43.83
C LYS A 2 -11.31 -22.76 -42.63
N VAL A 3 -11.95 -21.67 -42.21
CA VAL A 3 -12.84 -21.67 -41.05
C VAL A 3 -13.88 -22.78 -41.13
N GLU A 4 -14.57 -22.87 -42.26
CA GLU A 4 -15.62 -23.86 -42.45
C GLU A 4 -15.10 -25.30 -42.46
N GLU A 5 -13.89 -25.50 -42.98
CA GLU A 5 -13.25 -26.82 -42.98
C GLU A 5 -12.89 -27.20 -41.55
N ILE A 6 -12.51 -26.21 -40.74
CA ILE A 6 -12.18 -26.43 -39.33
C ILE A 6 -13.39 -26.93 -38.56
N LEU A 7 -14.52 -26.26 -38.76
CA LEU A 7 -15.76 -26.59 -38.07
C LEU A 7 -16.33 -27.93 -38.49
N GLU A 8 -16.06 -28.34 -39.73
CA GLU A 8 -16.50 -29.64 -40.19
C GLU A 8 -15.76 -30.76 -39.48
N LYS A 9 -14.46 -30.58 -39.24
CA LYS A 9 -13.69 -31.53 -38.43
C LYS A 9 -14.14 -31.52 -36.97
N ALA A 10 -14.46 -30.33 -36.45
CA ALA A 10 -14.90 -30.15 -35.08
C ALA A 10 -16.16 -30.96 -34.79
N LEU A 11 -16.99 -31.13 -35.82
CA LEU A 11 -18.22 -31.92 -35.70
C LEU A 11 -17.93 -33.37 -35.26
N GLU A 12 -16.86 -33.96 -35.78
CA GLU A 12 -16.50 -35.33 -35.43
C GLU A 12 -16.07 -35.48 -33.98
N LEU A 13 -15.72 -34.36 -33.35
CA LEU A 13 -15.39 -34.33 -31.92
C LEU A 13 -16.60 -34.08 -31.01
N VAL A 14 -17.70 -33.58 -31.56
CA VAL A 14 -18.84 -33.14 -30.73
C VAL A 14 -20.19 -33.81 -31.02
N ILE A 15 -20.35 -34.37 -32.21
CA ILE A 15 -21.55 -35.14 -32.53
C ILE A 15 -21.35 -36.57 -32.06
N PRO A 16 -22.27 -37.11 -31.26
CA PRO A 16 -22.09 -38.49 -30.85
C PRO A 16 -22.31 -39.45 -32.02
N ASP A 17 -21.64 -40.60 -32.00
CA ASP A 17 -21.81 -41.55 -33.09
C ASP A 17 -23.07 -42.41 -32.92
N GLU A 18 -23.32 -43.26 -33.92
CA GLU A 18 -24.51 -44.11 -34.01
C GLU A 18 -24.69 -45.01 -32.79
N GLU A 19 -23.61 -45.62 -32.32
CA GLU A 19 -23.68 -46.59 -31.21
C GLU A 19 -24.11 -45.93 -29.91
N GLU A 20 -23.58 -44.73 -29.66
CA GLU A 20 -23.99 -43.97 -28.49
C GLU A 20 -25.44 -43.54 -28.60
N VAL A 21 -25.85 -43.07 -29.78
CA VAL A 21 -27.22 -42.62 -29.99
C VAL A 21 -28.21 -43.76 -29.68
N ARG A 22 -27.88 -44.95 -30.18
CA ARG A 22 -28.74 -46.11 -30.06
C ARG A 22 -28.79 -46.57 -28.61
N LYS A 23 -27.65 -46.55 -27.95
CA LYS A 23 -27.56 -46.88 -26.53
C LYS A 23 -28.57 -46.04 -25.74
N GLY A 24 -28.67 -44.75 -26.08
CA GLY A 24 -29.58 -43.83 -25.42
C GLY A 24 -31.02 -44.00 -25.84
N ARG A 25 -31.25 -44.36 -27.09
CA ARG A 25 -32.60 -44.68 -27.57
C ARG A 25 -33.15 -45.90 -26.82
N GLU A 26 -32.30 -46.91 -26.63
CA GLU A 26 -32.68 -48.14 -25.96
C GLU A 26 -33.00 -47.88 -24.48
N ALA A 27 -32.21 -47.01 -23.85
CA ALA A 27 -32.44 -46.59 -22.48
C ALA A 27 -33.75 -45.82 -22.37
N GLU A 28 -33.92 -44.83 -23.25
CA GLU A 28 -35.12 -44.01 -23.32
C GLU A 28 -36.38 -44.86 -23.35
N GLU A 29 -36.37 -45.89 -24.20
CA GLU A 29 -37.49 -46.81 -24.35
C GLU A 29 -37.78 -47.50 -23.01
N GLU A 30 -36.74 -48.01 -22.36
CA GLU A 30 -36.93 -48.73 -21.10
C GLU A 30 -37.52 -47.83 -20.01
N LEU A 31 -37.01 -46.61 -19.94
CA LEU A 31 -37.44 -45.63 -18.97
C LEU A 31 -38.93 -45.34 -19.16
N ARG A 32 -39.32 -45.04 -20.40
CA ARG A 32 -40.73 -44.80 -20.73
C ARG A 32 -41.61 -45.97 -20.27
N ARG A 33 -41.17 -47.19 -20.55
CA ARG A 33 -41.96 -48.37 -20.20
C ARG A 33 -42.13 -48.54 -18.69
N ARG A 34 -41.13 -48.11 -17.93
CA ARG A 34 -41.16 -48.22 -16.47
C ARG A 34 -42.02 -47.13 -15.86
N LEU A 35 -42.00 -45.96 -16.47
CA LEU A 35 -42.70 -44.79 -15.96
C LEU A 35 -44.17 -44.81 -16.27
N ASP A 36 -44.53 -45.27 -17.48
CA ASP A 36 -45.89 -45.79 -17.72
C ASP A 36 -45.88 -47.05 -16.90
N GLU A 37 -47.02 -47.64 -16.61
CA GLU A 37 -46.99 -48.82 -15.72
C GLU A 37 -46.86 -48.35 -14.28
N LEU A 38 -46.15 -47.25 -14.06
CA LEU A 38 -46.15 -46.60 -12.77
C LEU A 38 -47.23 -45.54 -12.63
N GLY A 39 -48.00 -45.30 -13.69
CA GLY A 39 -49.00 -44.21 -13.69
C GLY A 39 -48.28 -42.92 -14.05
N VAL A 40 -48.02 -42.08 -13.05
CA VAL A 40 -46.95 -41.05 -13.09
C VAL A 40 -46.81 -40.15 -14.35
N GLU A 41 -47.00 -38.84 -14.14
CA GLU A 41 -46.76 -37.80 -15.16
C GLU A 41 -45.30 -37.38 -15.21
N TYR A 42 -44.70 -37.44 -16.38
CA TYR A 42 -43.29 -37.09 -16.53
C TYR A 42 -43.03 -36.38 -17.85
N VAL A 43 -41.81 -35.92 -18.04
CA VAL A 43 -41.43 -35.31 -19.31
C VAL A 43 -39.92 -35.35 -19.47
N PHE A 44 -39.44 -35.84 -20.62
CA PHE A 44 -38.01 -35.77 -20.92
C PHE A 44 -37.65 -34.34 -21.25
N VAL A 45 -36.62 -33.83 -20.58
CA VAL A 45 -36.16 -32.48 -20.83
C VAL A 45 -34.62 -32.46 -21.00
N GLY A 46 -34.06 -31.27 -21.20
CA GLY A 46 -32.61 -31.14 -21.32
C GLY A 46 -32.05 -31.59 -22.66
N SER A 47 -30.73 -31.69 -22.71
CA SER A 47 -30.01 -31.95 -23.93
C SER A 47 -30.38 -33.26 -24.67
N TYR A 48 -30.77 -34.30 -23.92
CA TYR A 48 -31.18 -35.55 -24.58
C TYR A 48 -32.45 -35.38 -25.37
N ALA A 49 -33.41 -34.73 -24.74
CA ALA A 49 -34.71 -34.54 -25.33
C ALA A 49 -34.66 -33.56 -26.49
N ARG A 50 -33.57 -32.81 -26.61
CA ARG A 50 -33.42 -31.85 -27.71
C ARG A 50 -32.32 -32.22 -28.71
N ASN A 51 -31.72 -33.40 -28.52
CA ASN A 51 -30.54 -33.81 -29.28
C ASN A 51 -29.46 -32.75 -29.35
N THR A 52 -29.16 -32.14 -28.21
CA THR A 52 -28.06 -31.17 -28.12
C THR A 52 -26.94 -31.63 -27.19
N TRP A 53 -26.98 -32.89 -26.77
CA TRP A 53 -25.96 -33.43 -25.88
C TRP A 53 -24.66 -33.70 -26.59
N LEU A 54 -23.56 -33.52 -25.87
CA LEU A 54 -22.20 -33.66 -26.39
C LEU A 54 -21.75 -35.12 -26.48
N LYS A 55 -20.99 -35.44 -27.52
CA LYS A 55 -20.39 -36.76 -27.71
C LYS A 55 -19.69 -37.21 -26.42
N GLY A 56 -20.08 -38.37 -25.91
CA GLY A 56 -19.47 -38.89 -24.69
C GLY A 56 -20.10 -38.40 -23.40
N SER A 57 -21.08 -37.50 -23.50
CA SER A 57 -21.76 -36.90 -22.34
C SER A 57 -23.24 -37.24 -22.27
N LEU A 58 -23.59 -38.49 -22.62
CA LEU A 58 -25.00 -38.90 -22.65
C LEU A 58 -25.55 -39.09 -21.27
N GLU A 59 -26.62 -38.36 -20.98
CA GLU A 59 -27.28 -38.38 -19.69
C GLU A 59 -28.73 -37.94 -19.89
N ILE A 60 -29.69 -38.77 -19.49
CA ILE A 60 -31.10 -38.44 -19.72
C ILE A 60 -31.76 -37.78 -18.52
N ASP A 61 -32.47 -36.68 -18.77
CA ASP A 61 -33.23 -35.94 -17.73
C ASP A 61 -34.72 -36.21 -17.78
N VAL A 62 -35.24 -36.76 -16.69
CA VAL A 62 -36.67 -36.97 -16.54
C VAL A 62 -37.21 -36.07 -15.44
N PHE A 63 -38.26 -35.33 -15.77
CA PHE A 63 -38.92 -34.48 -14.80
C PHE A 63 -40.30 -35.02 -14.49
N LEU A 64 -40.52 -35.27 -13.20
CA LEU A 64 -41.79 -35.76 -12.68
C LEU A 64 -42.64 -34.56 -12.31
N LEU A 65 -43.85 -34.49 -12.85
CA LEU A 65 -44.72 -33.33 -12.65
C LEU A 65 -45.81 -33.51 -11.56
N PHE A 66 -45.64 -32.85 -10.42
CA PHE A 66 -46.56 -33.01 -9.29
C PHE A 66 -47.57 -31.85 -9.15
N PRO A 67 -48.68 -32.08 -8.42
CA PRO A 67 -49.58 -30.98 -8.12
C PRO A 67 -48.90 -29.91 -7.30
N GLU A 68 -49.09 -28.65 -7.69
CA GLU A 68 -48.47 -27.54 -6.96
C GLU A 68 -48.93 -27.46 -5.49
N GLU A 69 -50.06 -28.10 -5.19
CA GLU A 69 -50.60 -28.15 -3.85
C GLU A 69 -49.69 -28.90 -2.87
N PHE A 70 -48.85 -29.79 -3.40
CA PHE A 70 -47.94 -30.61 -2.60
C PHE A 70 -46.98 -29.77 -1.79
N SER A 71 -46.69 -30.23 -0.58
CA SER A 71 -45.61 -29.67 0.21
C SER A 71 -44.28 -30.08 -0.42
N LYS A 72 -43.21 -29.38 -0.03
CA LYS A 72 -41.86 -29.70 -0.49
C LYS A 72 -41.44 -31.07 0.06
N GLU A 73 -41.87 -31.36 1.29
CA GLU A 73 -41.67 -32.64 1.94
C GLU A 73 -42.24 -33.76 1.08
N GLU A 74 -43.47 -33.53 0.61
CA GLU A 74 -44.19 -34.53 -0.19
C GLU A 74 -43.55 -34.73 -1.55
N LEU A 75 -43.05 -33.65 -2.12
CA LEU A 75 -42.30 -33.68 -3.36
C LEU A 75 -41.07 -34.57 -3.25
N ARG A 76 -40.25 -34.41 -2.21
CA ARG A 76 -39.03 -35.23 -2.12
C ARG A 76 -39.32 -36.68 -1.84
N GLU A 77 -40.24 -36.96 -0.91
CA GLU A 77 -40.61 -38.35 -0.59
C GLU A 77 -41.03 -39.08 -1.85
N ARG A 78 -41.81 -38.41 -2.67
CA ARG A 78 -42.41 -39.04 -3.84
C ARG A 78 -41.43 -39.12 -5.00
N GLY A 79 -40.70 -38.04 -5.23
CA GLY A 79 -39.65 -38.03 -6.23
C GLY A 79 -38.71 -39.20 -5.96
N LEU A 80 -38.18 -39.24 -4.76
CA LEU A 80 -37.23 -40.28 -4.39
C LEU A 80 -37.83 -41.67 -4.57
N GLU A 81 -39.07 -41.86 -4.13
CA GLU A 81 -39.79 -43.11 -4.36
C GLU A 81 -39.74 -43.58 -5.81
N ILE A 82 -40.28 -42.77 -6.71
CA ILE A 82 -40.35 -43.08 -8.13
C ILE A 82 -38.97 -43.24 -8.78
N GLY A 83 -38.06 -42.31 -8.48
CA GLY A 83 -36.69 -42.38 -8.99
C GLY A 83 -36.07 -43.72 -8.65
N LYS A 84 -36.17 -44.10 -7.38
CA LYS A 84 -35.73 -45.40 -6.89
C LYS A 84 -36.46 -46.54 -7.60
N ALA A 85 -37.72 -46.33 -7.96
CA ALA A 85 -38.56 -47.41 -8.51
C ALA A 85 -38.20 -47.72 -9.94
N VAL A 86 -37.49 -46.79 -10.57
CA VAL A 86 -37.41 -46.77 -12.01
C VAL A 86 -35.98 -46.98 -12.54
N LEU A 87 -34.99 -46.82 -11.66
CA LEU A 87 -33.58 -46.89 -12.06
C LEU A 87 -32.95 -48.21 -11.61
N ASP A 88 -32.17 -48.81 -12.49
CA ASP A 88 -31.50 -50.11 -12.24
C ASP A 88 -30.73 -50.04 -10.94
N SER A 89 -29.77 -49.12 -10.88
CA SER A 89 -29.16 -48.71 -9.63
C SER A 89 -29.20 -47.19 -9.54
N TYR A 90 -28.93 -46.66 -8.35
CA TYR A 90 -29.16 -45.24 -8.08
C TYR A 90 -28.30 -44.68 -6.96
N GLU A 91 -28.21 -43.36 -6.92
CA GLU A 91 -27.51 -42.61 -5.89
C GLU A 91 -28.33 -41.35 -5.56
N ILE A 92 -28.36 -41.01 -4.28
CA ILE A 92 -29.07 -39.79 -3.86
C ILE A 92 -28.05 -38.87 -3.21
N ARG A 93 -27.82 -37.73 -3.84
CA ARG A 93 -26.87 -36.73 -3.34
C ARG A 93 -27.14 -35.40 -4.01
N TYR A 94 -27.49 -34.41 -3.20
CA TYR A 94 -27.89 -33.08 -3.70
C TYR A 94 -27.66 -31.99 -2.67
N ALA A 95 -27.64 -30.74 -3.14
CA ALA A 95 -27.46 -29.58 -2.28
C ALA A 95 -28.77 -29.11 -1.66
N GLU A 96 -29.73 -28.68 -2.50
CA GLU A 96 -31.03 -28.23 -1.99
C GLU A 96 -32.20 -29.03 -2.58
N HIS A 97 -32.26 -29.10 -3.90
CA HIS A 97 -33.39 -29.71 -4.55
C HIS A 97 -33.14 -31.20 -4.75
N PRO A 98 -34.02 -32.04 -4.20
CA PRO A 98 -33.78 -33.49 -4.20
C PRO A 98 -33.99 -34.10 -5.60
N TYR A 99 -33.31 -35.21 -5.84
CA TYR A 99 -33.46 -35.94 -7.09
C TYR A 99 -32.67 -37.21 -6.99
N VAL A 100 -32.93 -38.13 -7.91
CA VAL A 100 -32.27 -39.41 -7.90
C VAL A 100 -31.36 -39.49 -9.12
N HIS A 101 -30.11 -39.91 -8.91
CA HIS A 101 -29.21 -40.14 -10.03
C HIS A 101 -28.98 -41.62 -10.17
N GLY A 102 -29.16 -42.12 -11.39
CA GLY A 102 -29.00 -43.53 -11.61
C GLY A 102 -28.63 -43.92 -13.01
N VAL A 103 -28.88 -45.17 -13.31
CA VAL A 103 -28.53 -45.76 -14.58
C VAL A 103 -29.70 -46.58 -15.06
N VAL A 104 -30.01 -46.46 -16.35
CA VAL A 104 -30.95 -47.35 -17.02
C VAL A 104 -30.26 -47.93 -18.25
N LYS A 105 -30.04 -49.24 -18.22
CA LYS A 105 -29.32 -49.92 -19.29
C LYS A 105 -28.01 -49.22 -19.64
N GLY A 106 -27.18 -48.99 -18.62
CA GLY A 106 -25.84 -48.46 -18.80
C GLY A 106 -25.72 -47.00 -19.19
N VAL A 107 -26.77 -46.20 -19.01
CA VAL A 107 -26.70 -44.77 -19.32
C VAL A 107 -27.20 -43.92 -18.16
N GLU A 108 -26.49 -42.81 -17.90
CA GLU A 108 -26.82 -41.89 -16.80
C GLU A 108 -28.21 -41.33 -16.94
N VAL A 109 -28.95 -41.37 -15.84
CA VAL A 109 -30.28 -40.78 -15.80
C VAL A 109 -30.43 -39.93 -14.54
N ASP A 110 -31.08 -38.78 -14.67
CA ASP A 110 -31.49 -37.98 -13.53
C ASP A 110 -33.01 -37.91 -13.48
N VAL A 111 -33.60 -38.43 -12.41
CA VAL A 111 -35.04 -38.28 -12.18
C VAL A 111 -35.31 -37.15 -11.19
N VAL A 112 -35.92 -36.07 -11.68
CA VAL A 112 -36.06 -34.86 -10.89
C VAL A 112 -37.52 -34.55 -10.65
N PRO A 113 -37.94 -34.38 -9.38
CA PRO A 113 -39.33 -33.99 -9.17
C PRO A 113 -39.52 -32.49 -9.30
N CYS A 114 -40.66 -32.07 -9.85
CA CYS A 114 -41.04 -30.66 -9.81
C CYS A 114 -42.55 -30.47 -9.81
N TYR A 115 -42.98 -29.23 -10.02
CA TYR A 115 -44.37 -28.85 -9.93
C TYR A 115 -44.98 -28.54 -11.29
N LYS A 116 -46.10 -29.19 -11.59
CA LYS A 116 -46.86 -28.90 -12.77
C LYS A 116 -47.57 -27.56 -12.63
N LEU A 117 -46.88 -26.51 -13.08
CA LEU A 117 -47.43 -25.17 -13.16
C LEU A 117 -47.96 -24.91 -14.57
N LYS A 118 -48.68 -23.81 -14.74
CA LYS A 118 -48.95 -23.23 -16.07
C LYS A 118 -48.68 -21.74 -15.96
N GLU A 119 -47.72 -21.26 -16.75
CA GLU A 119 -47.07 -19.95 -16.52
C GLU A 119 -45.98 -20.14 -15.45
N PRO A 120 -44.71 -19.87 -15.81
CA PRO A 120 -43.59 -19.94 -14.87
C PRO A 120 -43.49 -18.70 -13.97
N LYS A 121 -44.62 -18.09 -13.65
CA LYS A 121 -44.67 -17.00 -12.68
C LYS A 121 -44.67 -17.61 -11.27
N ASN A 122 -44.12 -16.85 -10.32
CA ASN A 122 -44.16 -17.16 -8.88
C ASN A 122 -43.35 -18.40 -8.39
N ILE A 123 -43.29 -19.45 -9.21
CA ILE A 123 -42.34 -20.58 -9.02
C ILE A 123 -42.23 -21.18 -7.61
N LYS A 124 -42.72 -22.39 -7.42
CA LYS A 124 -42.68 -23.03 -6.10
C LYS A 124 -41.35 -23.75 -5.78
N SER A 125 -40.68 -24.27 -6.79
CA SER A 125 -39.37 -24.89 -6.57
C SER A 125 -38.34 -24.40 -7.57
N ALA A 126 -37.07 -24.54 -7.21
CA ALA A 126 -35.97 -24.04 -8.00
C ALA A 126 -35.97 -24.43 -9.49
N VAL A 127 -36.52 -25.60 -9.80
CA VAL A 127 -36.37 -26.20 -11.14
C VAL A 127 -37.63 -26.15 -12.02
N ASP A 128 -38.66 -25.46 -11.54
CA ASP A 128 -39.98 -25.44 -12.18
C ASP A 128 -40.02 -24.84 -13.59
N ARG A 129 -38.98 -24.09 -13.96
CA ARG A 129 -38.94 -23.46 -15.28
C ARG A 129 -38.51 -24.41 -16.36
N THR A 130 -37.84 -25.50 -15.96
CA THR A 130 -37.17 -26.38 -16.91
C THR A 130 -38.10 -26.98 -17.98
N PRO A 131 -39.31 -27.47 -17.58
CA PRO A 131 -40.29 -27.91 -18.58
C PRO A 131 -40.68 -26.83 -19.55
N PHE A 132 -40.76 -25.59 -19.07
CA PHE A 132 -41.09 -24.46 -19.94
C PHE A 132 -39.95 -24.12 -20.90
N HIS A 133 -38.72 -24.14 -20.39
CA HIS A 133 -37.54 -23.95 -21.23
C HIS A 133 -37.64 -24.88 -22.40
N HIS A 134 -38.01 -26.11 -22.09
CA HIS A 134 -38.13 -27.13 -23.10
C HIS A 134 -39.24 -26.85 -24.11
N LYS A 135 -40.45 -26.47 -23.65
CA LYS A 135 -41.51 -26.12 -24.60
C LYS A 135 -41.01 -25.03 -25.53
N TRP A 136 -40.25 -24.09 -24.97
CA TRP A 136 -39.85 -22.90 -25.70
C TRP A 136 -38.84 -23.25 -26.78
N LEU A 137 -37.90 -24.12 -26.43
CA LEU A 137 -36.77 -24.44 -27.29
C LEU A 137 -37.16 -25.50 -28.33
N GLU A 138 -37.88 -26.50 -27.86
CA GLU A 138 -38.46 -27.55 -28.68
C GLU A 138 -38.46 -27.26 -30.19
N GLY A 139 -39.28 -26.28 -30.62
CA GLY A 139 -39.52 -26.03 -32.04
C GLY A 139 -38.64 -24.96 -32.64
N ARG A 140 -37.89 -24.28 -31.79
CA ARG A 140 -37.02 -23.19 -32.19
C ARG A 140 -35.56 -23.60 -32.39
N ILE A 141 -35.26 -24.86 -32.11
CA ILE A 141 -33.90 -25.37 -32.15
C ILE A 141 -33.72 -26.52 -33.14
N LYS A 142 -34.82 -27.02 -33.70
CA LYS A 142 -34.76 -28.07 -34.71
C LYS A 142 -33.86 -27.64 -35.88
N GLY A 143 -32.87 -28.46 -36.18
CA GLY A 143 -31.98 -28.22 -37.31
C GLY A 143 -30.77 -27.40 -36.92
N LYS A 144 -30.63 -27.11 -35.64
CA LYS A 144 -29.54 -26.26 -35.17
C LYS A 144 -28.76 -26.88 -34.00
N GLU A 145 -29.02 -28.17 -33.77
CA GLU A 145 -28.42 -28.92 -32.69
C GLU A 145 -26.90 -29.01 -32.81
N ASN A 146 -26.39 -29.35 -34.00
CA ASN A 146 -24.94 -29.45 -34.19
C ASN A 146 -24.26 -28.13 -33.87
N GLU A 147 -24.92 -27.07 -34.26
CA GLU A 147 -24.53 -25.70 -33.95
C GLU A 147 -24.40 -25.50 -32.42
N VAL A 148 -25.42 -25.94 -31.68
CA VAL A 148 -25.35 -25.91 -30.21
C VAL A 148 -24.21 -26.79 -29.69
N ARG A 149 -23.98 -27.92 -30.37
CA ARG A 149 -22.93 -28.83 -29.97
C ARG A 149 -21.54 -28.25 -30.18
N LEU A 150 -21.35 -27.50 -31.26
CA LEU A 150 -20.08 -26.80 -31.47
C LEU A 150 -19.75 -25.84 -30.32
N LEU A 151 -20.73 -25.04 -29.91
CA LEU A 151 -20.53 -24.07 -28.85
C LEU A 151 -20.21 -24.80 -27.56
N LYS A 152 -21.01 -25.82 -27.25
CA LYS A 152 -20.81 -26.61 -26.05
C LYS A 152 -19.39 -27.16 -26.07
N GLY A 153 -19.01 -27.83 -27.17
CA GLY A 153 -17.69 -28.41 -27.31
C GLY A 153 -16.58 -27.38 -27.10
N PHE A 154 -16.75 -26.21 -27.71
CA PHE A 154 -15.81 -25.09 -27.67
C PHE A 154 -15.63 -24.61 -26.24
N LEU A 155 -16.72 -24.51 -25.51
CA LEU A 155 -16.67 -24.04 -24.12
C LEU A 155 -16.01 -25.06 -23.23
N LYS A 156 -16.44 -26.31 -23.34
CA LYS A 156 -15.94 -27.37 -22.48
C LYS A 156 -14.44 -27.59 -22.65
N ALA A 157 -13.98 -27.52 -23.88
CA ALA A 157 -12.58 -27.73 -24.17
C ALA A 157 -11.76 -26.63 -23.51
N ASN A 158 -12.41 -25.50 -23.25
CA ASN A 158 -11.73 -24.38 -22.62
C ASN A 158 -12.15 -24.15 -21.18
N GLY A 159 -12.71 -25.19 -20.58
CA GLY A 159 -12.94 -25.27 -19.14
C GLY A 159 -13.96 -24.30 -18.57
N ILE A 160 -14.81 -23.76 -19.44
CA ILE A 160 -15.84 -22.82 -19.01
C ILE A 160 -17.27 -23.27 -19.37
N TYR A 161 -17.47 -24.58 -19.55
CA TYR A 161 -18.80 -25.14 -19.74
C TYR A 161 -19.42 -25.61 -18.44
N GLY A 162 -20.64 -25.12 -18.17
CA GLY A 162 -21.41 -25.50 -16.99
C GLY A 162 -21.47 -24.37 -15.99
N ALA A 163 -22.64 -24.12 -15.42
CA ALA A 163 -22.83 -23.03 -14.48
C ALA A 163 -22.79 -23.44 -12.99
N GLU A 164 -22.40 -24.67 -12.69
CA GLU A 164 -22.22 -25.11 -11.30
C GLU A 164 -21.04 -24.33 -10.67
N TYR A 165 -20.96 -24.29 -9.34
CA TYR A 165 -19.97 -23.44 -8.69
C TYR A 165 -18.56 -23.87 -8.94
N LYS A 166 -18.37 -25.10 -9.42
CA LYS A 166 -17.04 -25.61 -9.68
C LYS A 166 -16.42 -24.96 -10.91
N VAL A 167 -17.28 -24.49 -11.81
CA VAL A 167 -16.86 -23.98 -13.11
C VAL A 167 -17.28 -22.51 -13.27
N ARG A 168 -18.48 -22.19 -12.80
CA ARG A 168 -19.02 -20.83 -12.90
C ARG A 168 -18.97 -20.29 -14.32
N GLY A 169 -19.36 -21.14 -15.27
CA GLY A 169 -19.38 -20.81 -16.70
C GLY A 169 -20.77 -20.85 -17.34
N PHE A 170 -20.83 -21.32 -18.58
CA PHE A 170 -22.04 -21.23 -19.40
C PHE A 170 -22.89 -22.47 -19.29
N SER A 171 -24.16 -22.33 -18.91
CA SER A 171 -25.04 -23.51 -18.87
C SER A 171 -25.35 -24.02 -20.29
N GLY A 172 -25.85 -25.24 -20.38
CA GLY A 172 -26.22 -25.83 -21.68
C GLY A 172 -27.42 -25.10 -22.26
N TYR A 173 -28.30 -24.66 -21.38
CA TYR A 173 -29.48 -23.94 -21.79
C TYR A 173 -29.07 -22.59 -22.35
N LEU A 174 -28.10 -21.94 -21.70
CA LEU A 174 -27.53 -20.70 -22.24
C LEU A 174 -27.00 -20.88 -23.66
N CYS A 175 -26.32 -21.99 -23.93
CA CYS A 175 -25.81 -22.30 -25.27
C CYS A 175 -26.92 -22.34 -26.30
N GLU A 176 -28.03 -22.95 -25.93
CA GLU A 176 -29.16 -23.04 -26.83
C GLU A 176 -29.73 -21.68 -27.16
N LEU A 177 -29.85 -20.81 -26.16
CA LEU A 177 -30.44 -19.50 -26.38
C LEU A 177 -29.57 -18.68 -27.31
N LEU A 178 -28.26 -18.78 -27.11
CA LEU A 178 -27.29 -18.09 -27.95
C LEU A 178 -27.44 -18.56 -29.39
N ILE A 179 -27.57 -19.87 -29.57
CA ILE A 179 -27.73 -20.38 -30.92
C ILE A 179 -29.03 -19.86 -31.51
N VAL A 180 -30.12 -19.95 -30.76
CA VAL A 180 -31.39 -19.34 -31.22
C VAL A 180 -31.23 -17.85 -31.50
N PHE A 181 -30.41 -17.18 -30.71
CA PHE A 181 -30.27 -15.73 -30.84
C PHE A 181 -29.42 -15.30 -32.04
N TYR A 182 -28.36 -16.06 -32.31
CA TYR A 182 -27.40 -15.68 -33.35
C TYR A 182 -27.50 -16.52 -34.60
N GLY A 183 -28.21 -17.64 -34.51
CA GLY A 183 -28.42 -18.47 -35.68
C GLY A 183 -27.38 -19.57 -35.86
N SER A 184 -26.14 -19.30 -35.47
CA SER A 184 -25.06 -20.27 -35.62
C SER A 184 -23.95 -20.09 -34.59
N PHE A 185 -23.15 -21.14 -34.44
CA PHE A 185 -21.91 -21.07 -33.66
C PHE A 185 -21.03 -19.92 -34.14
N LEU A 186 -20.75 -19.91 -35.45
CA LEU A 186 -19.91 -18.91 -36.08
C LEU A 186 -20.41 -17.48 -35.84
N GLU A 187 -21.72 -17.29 -35.92
CA GLU A 187 -22.32 -15.98 -35.61
C GLU A 187 -22.14 -15.57 -34.15
N THR A 188 -22.21 -16.54 -33.24
CA THR A 188 -22.11 -16.26 -31.82
C THR A 188 -20.70 -15.78 -31.51
N VAL A 189 -19.74 -16.66 -31.75
CA VAL A 189 -18.32 -16.35 -31.63
C VAL A 189 -18.01 -14.96 -32.22
N LYS A 190 -18.41 -14.73 -33.47
CA LYS A 190 -18.17 -13.46 -34.14
C LYS A 190 -18.71 -12.28 -33.34
N ASN A 191 -19.93 -12.44 -32.81
CA ASN A 191 -20.56 -11.37 -32.04
C ASN A 191 -20.07 -11.24 -30.61
N ALA A 192 -19.89 -12.36 -29.93
CA ALA A 192 -19.40 -12.39 -28.57
C ALA A 192 -18.15 -11.52 -28.42
N ARG A 193 -17.35 -11.45 -29.49
CA ARG A 193 -16.17 -10.61 -29.56
C ARG A 193 -16.39 -9.20 -29.01
N ARG A 194 -17.61 -8.70 -29.07
CA ARG A 194 -17.89 -7.37 -28.58
C ARG A 194 -18.88 -7.29 -27.41
N TRP A 195 -19.07 -8.40 -26.70
CA TRP A 195 -19.84 -8.39 -25.44
C TRP A 195 -19.05 -7.59 -24.42
N THR A 196 -19.75 -6.96 -23.49
CA THR A 196 -19.12 -6.26 -22.40
C THR A 196 -19.71 -6.78 -21.11
N ARG A 197 -19.16 -6.33 -19.98
CA ARG A 197 -19.68 -6.69 -18.67
C ARG A 197 -21.07 -6.09 -18.41
N ARG A 198 -21.48 -5.14 -19.26
CA ARG A 198 -22.77 -4.48 -19.12
C ARG A 198 -23.77 -4.92 -20.21
N THR A 199 -23.49 -6.05 -20.85
CA THR A 199 -24.25 -6.48 -22.02
C THR A 199 -25.50 -7.25 -21.63
N VAL A 200 -26.64 -6.80 -22.13
CA VAL A 200 -27.90 -7.50 -21.94
C VAL A 200 -28.37 -8.10 -23.26
N ILE A 201 -28.49 -9.41 -23.30
CA ILE A 201 -29.14 -10.09 -24.41
C ILE A 201 -30.55 -10.51 -24.01
N ASP A 202 -31.54 -9.93 -24.67
CA ASP A 202 -32.94 -10.29 -24.45
C ASP A 202 -33.47 -11.14 -25.62
N VAL A 203 -33.34 -12.47 -25.48
CA VAL A 203 -33.64 -13.41 -26.56
C VAL A 203 -35.05 -13.24 -27.09
N ALA A 204 -36.02 -13.15 -26.18
CA ALA A 204 -37.41 -13.10 -26.57
C ALA A 204 -37.69 -11.86 -27.40
N LYS A 205 -37.00 -10.77 -27.10
CA LYS A 205 -37.23 -9.53 -27.84
C LYS A 205 -36.28 -9.33 -29.01
N GLY A 206 -35.28 -10.21 -29.15
CA GLY A 206 -34.33 -10.14 -30.26
C GLY A 206 -33.47 -8.90 -30.19
N GLU A 207 -33.05 -8.57 -28.98
CA GLU A 207 -32.52 -7.27 -28.66
C GLU A 207 -31.25 -7.37 -27.81
N VAL A 208 -30.32 -6.47 -28.07
CA VAL A 208 -29.10 -6.35 -27.29
C VAL A 208 -29.05 -4.93 -26.71
N ARG A 209 -28.81 -4.81 -25.40
CA ARG A 209 -28.78 -3.49 -24.78
C ARG A 209 -27.83 -3.38 -23.60
N LYS A 210 -27.64 -2.16 -23.11
CA LYS A 210 -26.75 -1.89 -21.98
C LYS A 210 -27.49 -1.99 -20.65
N GLY A 211 -26.95 -2.77 -19.73
CA GLY A 211 -27.58 -2.92 -18.42
C GLY A 211 -26.56 -2.68 -17.31
N GLU A 212 -26.86 -3.20 -16.12
CA GLU A 212 -25.98 -3.03 -14.97
C GLU A 212 -24.95 -4.14 -14.91
N GLU A 213 -25.28 -5.27 -15.53
CA GLU A 213 -24.42 -6.42 -15.56
C GLU A 213 -24.73 -7.25 -16.79
N PHE A 214 -23.88 -8.24 -17.07
CA PHE A 214 -24.16 -9.21 -18.13
C PHE A 214 -25.43 -9.98 -17.77
N PHE A 215 -26.37 -10.05 -18.70
CA PHE A 215 -27.71 -10.54 -18.41
C PHE A 215 -28.32 -11.09 -19.67
N VAL A 216 -28.60 -12.39 -19.65
CA VAL A 216 -29.27 -13.06 -20.75
C VAL A 216 -30.67 -13.35 -20.27
N VAL A 217 -31.64 -12.60 -20.77
CA VAL A 217 -33.02 -12.66 -20.29
C VAL A 217 -33.70 -13.96 -20.69
N ASP A 218 -34.15 -14.72 -19.70
CA ASP A 218 -34.92 -15.94 -19.95
C ASP A 218 -36.24 -15.66 -20.69
N PRO A 219 -36.43 -16.29 -21.87
CA PRO A 219 -37.68 -16.20 -22.64
C PRO A 219 -38.94 -16.53 -21.83
N VAL A 220 -38.83 -17.48 -20.91
CA VAL A 220 -39.98 -17.91 -20.12
C VAL A 220 -40.21 -17.09 -18.83
N ASP A 221 -39.24 -16.27 -18.45
CA ASP A 221 -39.32 -15.46 -17.23
C ASP A 221 -38.27 -14.36 -17.29
N GLU A 222 -38.75 -13.12 -17.45
CA GLU A 222 -37.89 -11.97 -17.75
C GLU A 222 -37.06 -11.49 -16.57
N LYS A 223 -37.45 -11.83 -15.35
CA LYS A 223 -36.65 -11.48 -14.18
C LYS A 223 -35.46 -12.42 -13.99
N ARG A 224 -35.32 -13.40 -14.86
CA ARG A 224 -34.30 -14.43 -14.70
C ARG A 224 -33.10 -14.23 -15.60
N ASN A 225 -31.92 -14.25 -15.00
CA ASN A 225 -30.69 -14.19 -15.77
C ASN A 225 -30.13 -15.58 -16.05
N VAL A 226 -30.26 -16.01 -17.28
CA VAL A 226 -29.80 -17.33 -17.64
C VAL A 226 -28.29 -17.45 -17.33
N ALA A 227 -27.60 -16.30 -17.30
CA ALA A 227 -26.16 -16.30 -17.07
C ALA A 227 -25.83 -15.81 -15.67
N ALA A 228 -26.77 -15.97 -14.74
CA ALA A 228 -26.59 -15.50 -13.36
C ALA A 228 -25.23 -15.90 -12.76
N ASN A 229 -24.81 -17.14 -12.97
CA ASN A 229 -23.63 -17.67 -12.28
C ASN A 229 -22.39 -17.80 -13.18
N LEU A 230 -22.42 -17.18 -14.35
CA LEU A 230 -21.21 -16.99 -15.14
C LEU A 230 -20.39 -15.86 -14.50
N SER A 231 -19.16 -16.15 -14.11
CA SER A 231 -18.34 -15.15 -13.44
C SER A 231 -17.80 -14.16 -14.45
N LEU A 232 -17.55 -12.94 -13.97
CA LEU A 232 -16.97 -11.88 -14.78
C LEU A 232 -15.74 -12.42 -15.50
N ASP A 233 -14.89 -13.13 -14.78
CA ASP A 233 -13.67 -13.66 -15.37
C ASP A 233 -13.90 -14.70 -16.47
N ASN A 234 -14.91 -15.53 -16.31
CA ASN A 234 -15.17 -16.52 -17.33
C ASN A 234 -15.79 -15.89 -18.57
N LEU A 235 -16.57 -14.83 -18.37
CA LEU A 235 -17.09 -14.05 -19.50
C LEU A 235 -15.91 -13.49 -20.27
N ALA A 236 -14.95 -12.93 -19.54
CA ALA A 236 -13.76 -12.34 -20.12
C ALA A 236 -12.98 -13.36 -20.94
N ARG A 237 -12.84 -14.57 -20.43
CA ARG A 237 -12.08 -15.59 -21.13
C ARG A 237 -12.79 -15.96 -22.41
N PHE A 238 -14.12 -16.12 -22.32
CA PHE A 238 -14.88 -16.44 -23.51
C PHE A 238 -14.72 -15.37 -24.57
N VAL A 239 -14.94 -14.10 -24.20
CA VAL A 239 -14.80 -12.98 -25.14
C VAL A 239 -13.41 -13.04 -25.76
N HIS A 240 -12.40 -13.22 -24.93
CA HIS A 240 -11.04 -13.33 -25.45
C HIS A 240 -10.83 -14.52 -26.39
N LEU A 241 -11.36 -15.70 -26.04
CA LEU A 241 -11.20 -16.86 -26.93
C LEU A 241 -11.82 -16.61 -28.30
N CYS A 242 -12.99 -15.96 -28.34
CA CYS A 242 -13.64 -15.64 -29.60
C CYS A 242 -12.75 -14.73 -30.46
N ARG A 243 -12.17 -13.71 -29.83
CA ARG A 243 -11.25 -12.84 -30.51
C ARG A 243 -10.13 -13.68 -31.12
N GLU A 244 -9.53 -14.54 -30.31
CA GLU A 244 -8.41 -15.36 -30.76
C GLU A 244 -8.81 -16.33 -31.86
N PHE A 245 -10.02 -16.90 -31.72
CA PHE A 245 -10.48 -17.87 -32.69
C PHE A 245 -10.64 -17.26 -34.07
N MET A 246 -11.11 -16.02 -34.13
CA MET A 246 -11.34 -15.37 -35.43
C MET A 246 -10.09 -14.81 -36.06
N GLU A 247 -9.07 -14.51 -35.24
CA GLU A 247 -7.76 -14.08 -35.75
C GLU A 247 -7.05 -15.26 -36.39
N ALA A 248 -7.15 -16.41 -35.74
CA ALA A 248 -6.44 -17.62 -36.17
C ALA A 248 -7.26 -18.86 -35.83
N PRO A 249 -8.18 -19.25 -36.74
CA PRO A 249 -9.05 -20.40 -36.50
C PRO A 249 -8.28 -21.71 -36.51
N SER A 250 -8.56 -22.56 -35.52
CA SER A 250 -7.82 -23.79 -35.32
C SER A 250 -8.65 -24.82 -34.57
N LEU A 251 -8.46 -26.08 -34.93
CA LEU A 251 -9.08 -27.24 -34.25
C LEU A 251 -8.59 -27.37 -32.80
N GLY A 252 -7.49 -26.69 -32.48
CA GLY A 252 -6.98 -26.64 -31.12
C GLY A 252 -8.03 -26.15 -30.13
N PHE A 253 -8.87 -25.21 -30.56
CA PHE A 253 -9.88 -24.63 -29.68
C PHE A 253 -10.97 -25.62 -29.26
N PHE A 254 -11.02 -26.79 -29.89
CA PHE A 254 -12.02 -27.81 -29.56
C PHE A 254 -11.39 -29.03 -28.91
N LYS A 255 -10.08 -29.00 -28.71
CA LYS A 255 -9.41 -30.11 -28.03
C LYS A 255 -9.03 -29.67 -26.62
N PRO A 256 -9.36 -30.50 -25.60
CA PRO A 256 -9.01 -30.28 -24.20
C PRO A 256 -7.49 -30.29 -23.94
N LYS A 257 -7.05 -29.52 -22.95
CA LYS A 257 -5.66 -29.48 -22.54
C LYS A 257 -5.51 -30.07 -21.15
N HIS A 258 -4.49 -30.90 -20.96
CA HIS A 258 -4.33 -31.56 -19.68
C HIS A 258 -3.05 -31.12 -18.98
N PRO A 259 -3.12 -30.91 -17.65
CA PRO A 259 -2.12 -30.43 -16.71
C PRO A 259 -0.66 -30.71 -16.95
N LEU A 260 -0.29 -31.88 -17.46
CA LEU A 260 1.13 -32.26 -17.63
C LEU A 260 1.90 -32.44 -16.32
N GLU A 261 2.54 -33.60 -16.18
CA GLU A 261 3.26 -33.95 -14.96
C GLU A 261 4.61 -33.25 -14.94
N ILE A 262 4.75 -32.31 -14.01
CA ILE A 262 5.95 -31.48 -13.92
C ILE A 262 6.74 -31.83 -12.65
N GLU A 263 8.02 -32.13 -12.83
CA GLU A 263 8.88 -32.67 -11.78
C GLU A 263 9.17 -31.63 -10.69
N PRO A 264 9.23 -32.06 -9.40
CA PRO A 264 9.46 -31.18 -8.25
C PRO A 264 10.71 -30.31 -8.37
N GLU A 265 11.74 -30.86 -9.01
CA GLU A 265 12.99 -30.18 -9.19
C GLU A 265 12.83 -28.92 -10.04
N ARG A 266 12.07 -29.01 -11.13
CA ARG A 266 11.85 -27.85 -12.00
C ARG A 266 10.97 -26.80 -11.34
N LEU A 267 10.09 -27.25 -10.46
CA LEU A 267 9.18 -26.38 -9.73
C LEU A 267 9.96 -25.57 -8.69
N ARG A 268 10.90 -26.24 -8.04
CA ARG A 268 11.83 -25.61 -7.09
C ARG A 268 12.59 -24.47 -7.78
N LYS A 269 13.02 -24.71 -9.02
CA LYS A 269 13.74 -23.71 -9.83
C LYS A 269 12.89 -22.48 -10.16
N ILE A 270 11.65 -22.71 -10.58
CA ILE A 270 10.72 -21.63 -10.93
C ILE A 270 10.43 -20.76 -9.71
N VAL A 271 10.14 -21.41 -8.59
CA VAL A 271 9.79 -20.68 -7.37
C VAL A 271 10.96 -19.83 -6.90
N GLU A 272 12.17 -20.36 -7.00
CA GLU A 272 13.31 -19.59 -6.55
C GLU A 272 13.70 -18.52 -7.56
N GLU A 273 13.42 -18.75 -8.84
CA GLU A 273 13.57 -17.71 -9.84
C GLU A 273 12.65 -16.53 -9.49
N ARG A 274 11.38 -16.81 -9.21
CA ARG A 274 10.42 -15.78 -8.86
C ARG A 274 10.72 -15.16 -7.50
N GLY A 275 11.42 -15.93 -6.66
CA GLY A 275 11.85 -15.51 -5.31
C GLY A 275 10.70 -15.24 -4.37
N THR A 276 9.58 -15.95 -4.56
CA THR A 276 8.36 -15.74 -3.80
C THR A 276 8.21 -16.73 -2.64
N ALA A 277 7.18 -16.50 -1.83
CA ALA A 277 6.78 -17.44 -0.81
C ALA A 277 5.62 -18.22 -1.40
N VAL A 278 5.80 -19.53 -1.57
CA VAL A 278 4.73 -20.42 -2.03
C VAL A 278 4.40 -21.49 -0.99
N PHE A 279 3.13 -21.57 -0.60
CA PHE A 279 2.70 -22.51 0.44
C PHE A 279 1.20 -22.78 0.37
N ALA A 280 0.79 -23.92 0.93
CA ALA A 280 -0.63 -24.29 0.99
C ALA A 280 -1.13 -24.57 2.40
N VAL A 281 -2.43 -24.39 2.58
CA VAL A 281 -3.10 -24.86 3.78
C VAL A 281 -3.74 -26.18 3.39
N LYS A 282 -3.33 -27.25 4.08
CA LYS A 282 -3.80 -28.60 3.83
C LYS A 282 -4.75 -29.05 4.94
N PHE A 283 -5.86 -29.70 4.59
CA PHE A 283 -6.86 -30.18 5.56
C PHE A 283 -7.83 -31.19 4.96
N ARG A 284 -8.54 -31.91 5.84
CA ARG A 284 -9.46 -32.98 5.43
C ARG A 284 -10.63 -32.43 4.64
N LYS A 285 -10.93 -33.07 3.52
CA LYS A 285 -12.09 -32.68 2.73
C LYS A 285 -13.37 -32.98 3.50
N PRO A 286 -14.23 -31.97 3.71
CA PRO A 286 -15.53 -32.21 4.32
C PRO A 286 -16.45 -32.99 3.36
N ASP A 287 -17.06 -34.09 3.83
CA ASP A 287 -17.88 -34.95 2.98
C ASP A 287 -19.20 -34.29 2.58
N ILE A 288 -19.13 -33.37 1.62
CA ILE A 288 -20.29 -32.60 1.17
C ILE A 288 -20.24 -32.42 -0.35
N VAL A 289 -21.35 -32.03 -0.96
CA VAL A 289 -21.42 -31.92 -2.42
C VAL A 289 -20.58 -30.76 -2.97
N ASP A 290 -20.23 -30.85 -4.25
CA ASP A 290 -19.42 -29.83 -4.91
C ASP A 290 -19.96 -28.41 -4.75
N ASP A 291 -21.27 -28.24 -4.89
CA ASP A 291 -21.89 -26.92 -4.83
C ASP A 291 -21.97 -26.32 -3.45
N ASN A 292 -21.70 -27.13 -2.43
CA ASN A 292 -21.48 -26.60 -1.09
C ASN A 292 -20.00 -26.37 -0.86
N LEU A 293 -19.17 -27.29 -1.34
CA LEU A 293 -17.73 -27.24 -1.03
C LEU A 293 -16.99 -26.09 -1.72
N TYR A 294 -17.27 -25.89 -3.00
CA TYR A 294 -16.52 -24.92 -3.80
C TYR A 294 -16.68 -23.44 -3.43
N PRO A 295 -17.93 -23.00 -3.15
CA PRO A 295 -18.05 -21.63 -2.68
C PRO A 295 -17.36 -21.46 -1.34
N GLN A 296 -17.41 -22.51 -0.51
CA GLN A 296 -16.73 -22.50 0.77
C GLN A 296 -15.22 -22.41 0.63
N LEU A 297 -14.66 -23.14 -0.34
CA LEU A 297 -13.24 -23.00 -0.66
C LEU A 297 -12.94 -21.62 -1.22
N GLU A 298 -13.87 -21.06 -2.00
CA GLU A 298 -13.69 -19.71 -2.50
C GLU A 298 -13.62 -18.71 -1.36
N ARG A 299 -14.52 -18.81 -0.40
CA ARG A 299 -14.49 -17.92 0.76
C ARG A 299 -13.22 -18.08 1.56
N ALA A 300 -12.86 -19.32 1.91
CA ALA A 300 -11.66 -19.58 2.69
C ALA A 300 -10.42 -18.98 2.03
N SER A 301 -10.30 -19.20 0.72
CA SER A 301 -9.23 -18.66 -0.07
C SER A 301 -9.16 -17.13 0.06
N ARG A 302 -10.32 -16.50 -0.06
CA ARG A 302 -10.43 -15.06 -0.10
C ARG A 302 -10.03 -14.46 1.25
N LYS A 303 -10.65 -14.93 2.33
CA LYS A 303 -10.39 -14.37 3.65
C LYS A 303 -8.93 -14.43 4.07
N ILE A 304 -8.23 -15.51 3.71
CA ILE A 304 -6.81 -15.65 4.06
C ILE A 304 -5.97 -14.73 3.18
N PHE A 305 -6.33 -14.66 1.90
CA PHE A 305 -5.70 -13.70 0.99
C PHE A 305 -5.83 -12.27 1.53
N GLU A 306 -7.00 -11.93 2.04
CA GLU A 306 -7.25 -10.62 2.61
C GLU A 306 -6.44 -10.39 3.88
N PHE A 307 -6.39 -11.40 4.74
CA PHE A 307 -5.53 -11.36 5.91
C PHE A 307 -4.08 -11.08 5.48
N LEU A 308 -3.59 -11.85 4.50
CA LEU A 308 -2.23 -11.65 4.02
C LEU A 308 -2.01 -10.26 3.47
N GLU A 309 -3.02 -9.67 2.84
CA GLU A 309 -2.81 -8.35 2.25
C GLU A 309 -2.82 -7.20 3.27
N ARG A 310 -3.69 -7.25 4.26
CA ARG A 310 -3.70 -6.20 5.30
C ARG A 310 -2.50 -6.31 6.23
N GLU A 311 -1.92 -7.50 6.24
CA GLU A 311 -0.74 -7.80 7.03
C GLU A 311 0.57 -7.62 6.21
N ASN A 312 0.44 -6.94 5.07
CA ASN A 312 1.57 -6.54 4.23
C ASN A 312 2.48 -7.63 3.65
N PHE A 313 1.96 -8.84 3.49
CA PHE A 313 2.73 -9.89 2.85
C PHE A 313 2.66 -9.86 1.34
N MET A 314 1.89 -8.91 0.80
CA MET A 314 1.76 -8.70 -0.64
C MET A 314 1.46 -9.99 -1.41
N PRO A 315 0.26 -10.55 -1.20
CA PRO A 315 -0.12 -11.78 -1.89
C PRO A 315 -0.28 -11.55 -3.39
N LEU A 316 0.21 -12.48 -4.20
CA LEU A 316 0.10 -12.37 -5.65
C LEU A 316 -1.22 -12.93 -6.20
N ARG A 317 -1.35 -14.25 -6.20
CA ARG A 317 -2.62 -14.85 -6.55
C ARG A 317 -2.89 -15.93 -5.55
N SER A 318 -3.97 -16.66 -5.79
CA SER A 318 -4.43 -17.69 -4.86
C SER A 318 -5.17 -18.79 -5.62
N ALA A 319 -5.04 -20.01 -5.15
CA ALA A 319 -5.66 -21.15 -5.82
C ALA A 319 -6.20 -22.14 -4.81
N PHE A 320 -7.02 -23.07 -5.26
CA PHE A 320 -7.45 -24.16 -4.39
C PHE A 320 -7.63 -25.48 -5.15
N LYS A 321 -7.49 -26.59 -4.44
CA LYS A 321 -7.64 -27.92 -5.02
C LYS A 321 -8.32 -28.82 -4.03
N ALA A 322 -9.13 -29.74 -4.53
CA ALA A 322 -9.81 -30.72 -3.71
C ALA A 322 -9.48 -32.10 -4.22
N SER A 323 -8.95 -32.95 -3.34
CA SER A 323 -8.71 -34.35 -3.66
C SER A 323 -9.87 -35.16 -3.11
N GLU A 324 -9.73 -36.49 -3.12
CA GLU A 324 -10.73 -37.35 -2.49
C GLU A 324 -10.81 -37.07 -0.99
N GLU A 325 -9.65 -36.81 -0.40
CA GLU A 325 -9.51 -36.76 1.05
C GLU A 325 -9.01 -35.42 1.60
N PHE A 326 -8.24 -34.68 0.80
CA PHE A 326 -7.75 -33.37 1.25
C PHE A 326 -8.16 -32.19 0.38
N CYS A 327 -8.20 -31.02 1.00
CA CYS A 327 -8.34 -29.77 0.29
C CYS A 327 -7.08 -28.95 0.50
N TYR A 328 -6.80 -28.08 -0.45
CA TYR A 328 -5.57 -27.30 -0.40
C TYR A 328 -5.86 -25.86 -0.73
N LEU A 329 -5.40 -24.95 0.10
CA LEU A 329 -5.46 -23.54 -0.27
C LEU A 329 -4.04 -23.06 -0.63
N LEU A 330 -3.83 -22.71 -1.89
CA LEU A 330 -2.51 -22.33 -2.38
C LEU A 330 -2.32 -20.81 -2.37
N PHE A 331 -1.14 -20.36 -1.98
CA PHE A 331 -0.86 -18.94 -1.87
C PHE A 331 0.56 -18.62 -2.32
N GLU A 332 0.71 -17.42 -2.89
CA GLU A 332 2.00 -16.88 -3.27
C GLU A 332 2.11 -15.42 -2.85
N CYS A 333 3.21 -15.08 -2.16
CA CYS A 333 3.42 -13.75 -1.63
C CYS A 333 4.75 -13.19 -2.09
N GLN A 334 4.80 -11.88 -2.27
CA GLN A 334 6.05 -11.22 -2.62
C GLN A 334 7.01 -11.16 -1.42
N ILE A 335 6.47 -11.21 -0.22
CA ILE A 335 7.25 -11.03 0.98
C ILE A 335 7.41 -12.36 1.67
N LYS A 336 8.64 -12.84 1.77
CA LYS A 336 8.89 -14.10 2.45
C LYS A 336 9.04 -13.85 3.94
N GLU A 337 9.47 -12.64 4.27
CA GLU A 337 9.79 -12.31 5.64
C GLU A 337 9.75 -10.81 5.78
N ILE A 338 8.96 -10.35 6.75
CA ILE A 338 8.88 -8.94 7.07
C ILE A 338 9.66 -8.69 8.35
N SER A 339 10.03 -7.43 8.59
CA SER A 339 10.68 -7.06 9.83
C SER A 339 9.76 -7.32 11.01
N ARG A 340 10.25 -7.06 12.21
CA ARG A 340 9.47 -7.30 13.39
C ARG A 340 8.80 -6.01 13.87
N VAL A 341 9.53 -4.89 13.79
CA VAL A 341 8.96 -3.57 14.12
C VAL A 341 8.11 -3.05 12.99
N PHE A 342 7.13 -2.23 13.36
CA PHE A 342 6.37 -1.48 12.37
C PHE A 342 5.92 -0.22 13.07
N ARG A 343 5.38 0.73 12.32
CA ARG A 343 4.87 1.96 12.90
C ARG A 343 3.35 2.00 13.01
N ARG A 344 2.90 2.38 14.20
CA ARG A 344 1.49 2.60 14.49
C ARG A 344 1.27 4.11 14.56
N MET A 345 0.28 4.59 13.81
CA MET A 345 -0.03 6.02 13.82
C MET A 345 -0.63 6.44 15.16
N GLY A 346 -0.25 7.64 15.61
CA GLY A 346 -0.77 8.18 16.87
C GLY A 346 -1.51 9.49 16.67
N PRO A 347 -1.94 10.12 17.78
CA PRO A 347 -2.66 11.39 17.73
C PRO A 347 -1.78 12.57 17.34
N GLN A 348 -2.44 13.65 16.92
CA GLN A 348 -1.78 14.90 16.58
C GLN A 348 -1.36 15.56 17.88
N PHE A 349 -0.13 16.07 17.92
CA PHE A 349 0.45 16.65 19.14
C PHE A 349 -0.48 17.63 19.84
N GLU A 350 -1.44 18.16 19.06
CA GLU A 350 -2.46 19.09 19.56
C GLU A 350 -3.08 18.60 20.86
N ASP A 351 -4.09 17.73 20.77
CA ASP A 351 -4.83 17.28 21.95
C ASP A 351 -4.01 16.35 22.84
N GLU A 352 -3.72 16.82 24.04
CA GLU A 352 -2.88 16.10 25.01
C GLU A 352 -3.58 14.86 25.54
N ARG A 353 -4.89 14.99 25.80
CA ARG A 353 -5.71 13.93 26.39
C ARG A 353 -5.40 12.57 25.74
N ASN A 354 -5.48 12.54 24.41
CA ASN A 354 -5.13 11.35 23.63
C ASN A 354 -3.64 11.01 23.61
N VAL A 355 -2.80 12.04 23.43
CA VAL A 355 -1.34 11.88 23.47
C VAL A 355 -0.91 11.24 24.78
N LYS A 356 -1.45 11.74 25.90
CA LYS A 356 -1.20 11.17 27.22
C LYS A 356 -1.39 9.65 27.26
N LYS A 357 -2.59 9.18 26.88
CA LYS A 357 -2.87 7.73 26.93
C LYS A 357 -2.17 6.93 25.84
N PHE A 358 -1.77 7.60 24.77
CA PHE A 358 -0.95 6.98 23.73
C PHE A 358 0.45 6.67 24.27
N LEU A 359 1.04 7.61 25.00
CA LEU A 359 2.40 7.43 25.55
C LEU A 359 2.41 6.63 26.85
N SER A 360 1.24 6.47 27.48
CA SER A 360 1.10 5.73 28.72
C SER A 360 1.44 4.25 28.58
N ARG A 361 1.47 3.76 27.34
CA ARG A 361 1.75 2.38 27.03
C ARG A 361 3.22 2.03 27.20
N ASN A 362 3.48 0.78 27.59
CA ASN A 362 4.84 0.28 27.72
C ASN A 362 5.33 -0.23 26.38
N ARG A 363 6.25 0.50 25.75
CA ARG A 363 6.92 0.00 24.55
C ARG A 363 8.44 0.01 24.69
N ALA A 364 9.09 -0.75 23.81
CA ALA A 364 10.53 -0.94 23.89
C ALA A 364 11.32 0.26 23.39
N PHE A 365 10.73 1.05 22.50
CA PHE A 365 11.53 2.01 21.75
C PHE A 365 11.44 3.48 22.08
N ARG A 366 10.26 4.08 22.01
CA ARG A 366 10.12 5.52 22.27
C ARG A 366 9.45 6.17 21.07
N PRO A 367 8.18 6.54 21.23
CA PRO A 367 7.45 7.24 20.17
C PRO A 367 8.18 8.50 19.69
N PHE A 368 7.83 8.98 18.51
CA PHE A 368 8.46 10.15 17.94
C PHE A 368 7.42 11.01 17.26
N ILE A 369 7.80 12.23 16.89
CA ILE A 369 6.93 13.11 16.14
C ILE A 369 7.37 13.20 14.68
N GLU A 370 6.41 13.01 13.79
CA GLU A 370 6.62 13.19 12.36
C GLU A 370 5.34 13.80 11.78
N ASN A 371 5.51 14.83 10.96
CA ASN A 371 4.40 15.60 10.40
C ASN A 371 3.26 15.90 11.39
N GLY A 372 3.63 16.52 12.51
CA GLY A 372 2.65 17.01 13.47
C GLY A 372 1.75 15.97 14.14
N ARG A 373 2.23 14.74 14.19
CA ARG A 373 1.54 13.68 14.95
C ARG A 373 2.52 12.70 15.58
N TRP A 374 2.09 12.03 16.64
CA TRP A 374 2.90 10.99 17.27
C TRP A 374 2.77 9.68 16.52
N TRP A 375 3.84 8.89 16.57
CA TRP A 375 3.89 7.56 16.00
C TRP A 375 4.65 6.69 16.99
N ALA A 376 4.47 5.38 16.92
CA ALA A 376 5.17 4.48 17.82
C ALA A 376 5.74 3.25 17.10
N PHE A 377 6.80 2.68 17.64
CA PHE A 377 7.33 1.43 17.15
C PHE A 377 6.74 0.26 17.93
N GLU A 378 6.08 -0.64 17.20
CA GLU A 378 5.42 -1.79 17.78
C GLU A 378 5.96 -3.06 17.12
N MET A 379 5.86 -4.19 17.83
CA MET A 379 6.40 -5.47 17.36
C MET A 379 5.34 -6.43 16.82
N ARG A 380 5.65 -7.10 15.71
CA ARG A 380 4.81 -8.14 15.16
C ARG A 380 4.98 -9.46 15.92
N LYS A 381 3.91 -10.24 16.00
CA LYS A 381 3.97 -11.56 16.64
C LYS A 381 4.22 -12.69 15.64
N PHE A 382 4.49 -12.31 14.40
CA PHE A 382 4.91 -13.22 13.32
C PHE A 382 5.58 -12.41 12.22
N THR A 383 6.47 -13.05 11.45
CA THR A 383 7.16 -12.36 10.38
C THR A 383 7.20 -13.08 9.03
N THR A 384 6.60 -14.26 8.93
CA THR A 384 6.52 -14.92 7.64
C THR A 384 5.05 -15.12 7.30
N PRO A 385 4.72 -15.22 5.99
CA PRO A 385 3.30 -15.39 5.68
C PRO A 385 2.73 -16.69 6.25
N GLU A 386 3.56 -17.74 6.26
CA GLU A 386 3.21 -19.03 6.89
C GLU A 386 2.83 -18.89 8.36
N GLU A 387 3.69 -18.22 9.11
CA GLU A 387 3.44 -17.99 10.51
C GLU A 387 2.14 -17.19 10.61
N GLY A 388 1.98 -16.24 9.71
CA GLY A 388 0.78 -15.42 9.68
C GLY A 388 -0.48 -16.24 9.52
N VAL A 389 -0.50 -17.07 8.49
CA VAL A 389 -1.65 -17.92 8.21
C VAL A 389 -1.94 -18.87 9.39
N ARG A 390 -0.87 -19.42 9.97
CA ARG A 390 -1.01 -20.37 11.08
C ARG A 390 -1.73 -19.72 12.25
N SER A 391 -1.38 -18.46 12.49
CA SER A 391 -2.07 -17.66 13.46
C SER A 391 -3.52 -17.44 13.00
N TYR A 392 -3.68 -16.99 11.75
CA TYR A 392 -5.01 -16.70 11.22
C TYR A 392 -5.97 -17.89 11.29
N ALA A 393 -5.62 -18.99 10.63
CA ALA A 393 -6.47 -20.17 10.54
C ALA A 393 -6.74 -20.87 11.88
N SER A 394 -5.81 -20.75 12.84
CA SER A 394 -6.06 -21.29 14.18
C SER A 394 -7.05 -20.44 14.94
N THR A 395 -7.11 -19.17 14.58
CA THR A 395 -7.87 -18.20 15.35
C THR A 395 -9.19 -17.79 14.65
N HIS A 396 -9.26 -17.91 13.32
CA HIS A 396 -10.42 -17.45 12.54
C HIS A 396 -11.12 -18.55 11.74
N TRP A 397 -10.92 -19.81 12.10
CA TRP A 397 -11.48 -20.93 11.34
C TRP A 397 -12.98 -20.74 11.06
N HIS A 398 -13.67 -20.10 11.99
CA HIS A 398 -15.13 -19.96 11.92
C HIS A 398 -15.58 -19.03 10.79
N THR A 399 -14.68 -18.21 10.29
CA THR A 399 -15.02 -17.31 9.19
C THR A 399 -14.69 -17.93 7.81
N LEU A 400 -14.15 -19.15 7.83
CA LEU A 400 -13.72 -19.79 6.58
C LEU A 400 -14.70 -20.82 5.99
N GLY A 401 -16.01 -20.60 6.10
CA GLY A 401 -16.99 -21.56 5.57
C GLY A 401 -17.49 -22.55 6.62
N LYS A 402 -18.78 -22.85 6.61
CA LYS A 402 -19.36 -23.69 7.66
C LYS A 402 -18.54 -24.97 7.86
N ASN A 403 -18.37 -25.74 6.78
CA ASN A 403 -17.75 -27.04 6.85
C ASN A 403 -16.24 -27.00 6.67
N VAL A 404 -15.80 -26.14 5.75
CA VAL A 404 -14.39 -25.92 5.54
C VAL A 404 -13.74 -25.39 6.83
N GLY A 405 -14.34 -24.37 7.43
CA GLY A 405 -13.87 -23.83 8.71
C GLY A 405 -13.86 -24.82 9.86
N GLU A 406 -14.88 -25.69 9.90
CA GLU A 406 -14.98 -26.75 10.89
C GLU A 406 -13.84 -27.75 10.71
N SER A 407 -13.57 -28.13 9.48
CA SER A 407 -12.53 -29.09 9.20
C SER A 407 -11.14 -28.54 9.57
N ILE A 408 -10.97 -27.23 9.37
CA ILE A 408 -9.72 -26.56 9.68
C ILE A 408 -9.52 -26.43 11.19
N ARG A 409 -10.63 -26.31 11.92
CA ARG A 409 -10.60 -26.29 13.39
C ARG A 409 -9.99 -27.58 13.90
N GLU A 410 -10.36 -28.68 13.27
CA GLU A 410 -9.95 -29.98 13.79
C GLU A 410 -8.58 -30.46 13.28
N TYR A 411 -8.18 -29.97 12.11
CA TYR A 411 -6.86 -30.25 11.58
C TYR A 411 -6.57 -29.38 10.36
N PHE A 412 -5.39 -28.77 10.38
CA PHE A 412 -4.76 -28.20 9.20
C PHE A 412 -3.24 -28.18 9.42
N GLU A 413 -2.50 -28.10 8.33
CA GLU A 413 -1.07 -27.88 8.41
C GLU A 413 -0.68 -26.96 7.25
N ILE A 414 0.51 -26.38 7.36
CA ILE A 414 1.00 -25.53 6.28
C ILE A 414 2.19 -26.19 5.63
N ILE A 415 2.08 -26.39 4.32
CA ILE A 415 3.11 -27.03 3.54
C ILE A 415 3.74 -26.00 2.63
N SER A 416 5.06 -26.00 2.57
CA SER A 416 5.82 -25.25 1.57
C SER A 416 7.03 -26.09 1.17
N GLY A 417 7.99 -25.49 0.46
CA GLY A 417 9.20 -26.20 0.03
C GLY A 417 8.93 -27.44 -0.84
N GLU A 418 9.91 -28.34 -0.90
CA GLU A 418 9.77 -29.62 -1.61
C GLU A 418 8.52 -30.38 -1.15
N LYS A 419 8.22 -30.29 0.14
CA LYS A 419 7.06 -30.97 0.75
C LYS A 419 5.76 -30.68 -0.02
N LEU A 420 5.68 -29.50 -0.63
CA LEU A 420 4.48 -29.05 -1.36
C LEU A 420 4.49 -29.49 -2.82
N PHE A 421 5.69 -29.65 -3.39
CA PHE A 421 5.80 -30.03 -4.79
C PHE A 421 5.49 -31.49 -5.04
N LYS A 422 5.45 -32.31 -3.98
CA LYS A 422 5.06 -33.71 -4.12
C LYS A 422 3.56 -33.93 -3.84
N GLU A 423 2.88 -32.88 -3.40
CA GLU A 423 1.43 -32.92 -3.25
C GLU A 423 0.77 -32.84 -4.62
N PRO A 424 -0.51 -33.30 -4.74
CA PRO A 424 -1.16 -33.23 -6.06
C PRO A 424 -1.72 -31.83 -6.37
N VAL A 425 -0.88 -30.81 -6.28
CA VAL A 425 -1.30 -29.43 -6.52
C VAL A 425 -0.53 -28.72 -7.63
N THR A 426 0.33 -29.47 -8.33
CA THR A 426 1.23 -28.89 -9.33
C THR A 426 0.49 -28.24 -10.50
N ALA A 427 -0.61 -28.85 -10.93
CA ALA A 427 -1.46 -28.26 -11.95
C ALA A 427 -1.93 -26.87 -11.52
N GLU A 428 -2.38 -26.74 -10.28
CA GLU A 428 -2.86 -25.47 -9.75
C GLU A 428 -1.71 -24.50 -9.52
N LEU A 429 -0.57 -25.03 -9.10
CA LEU A 429 0.63 -24.23 -8.91
C LEU A 429 1.06 -23.59 -10.22
N CYS A 430 1.09 -24.39 -11.27
CA CYS A 430 1.52 -23.93 -12.57
C CYS A 430 0.59 -22.87 -13.12
N GLU A 431 -0.71 -23.15 -13.03
CA GLU A 431 -1.77 -22.23 -13.46
C GLU A 431 -1.65 -20.87 -12.78
N MET A 432 -1.40 -20.93 -11.49
CA MET A 432 -1.36 -19.80 -10.60
C MET A 432 -0.21 -18.84 -10.91
N MET A 433 0.98 -19.40 -11.12
CA MET A 433 2.17 -18.64 -11.44
C MET A 433 2.28 -18.35 -12.93
N GLY A 434 1.35 -18.92 -13.70
CA GLY A 434 1.34 -18.75 -15.14
C GLY A 434 2.57 -19.32 -15.82
N VAL A 435 3.02 -20.47 -15.34
CA VAL A 435 4.11 -21.20 -15.95
C VAL A 435 3.76 -21.49 -17.41
N LYS A 436 4.69 -21.23 -18.32
CA LYS A 436 4.45 -21.50 -19.73
C LYS A 436 4.64 -22.97 -20.06
N ASP A 437 3.94 -23.44 -21.09
CA ASP A 437 4.12 -24.78 -21.64
C ASP A 437 3.80 -25.87 -20.63
N VAL A 438 2.54 -26.01 -20.27
CA VAL A 438 2.21 -26.67 -19.00
C VAL A 438 1.45 -27.99 -18.81
N CYS A 439 0.48 -28.51 -19.59
CA CYS A 439 -0.40 -28.00 -20.65
C CYS A 439 -0.22 -28.65 -22.00
N CYS A 440 -1.17 -29.51 -22.38
CA CYS A 440 -1.04 -30.31 -23.60
C CYS A 440 -2.29 -31.02 -24.17
N MET A 441 -2.15 -31.46 -25.43
CA MET A 441 -3.19 -32.08 -26.29
C MET A 441 -4.34 -31.14 -26.53
N MET B 1 12.33 22.40 44.24
CA MET B 1 11.38 21.29 43.93
C MET B 1 10.07 21.81 43.34
N LYS B 2 9.48 22.83 43.98
CA LYS B 2 8.14 23.29 43.63
C LYS B 2 8.14 24.24 42.44
N VAL B 3 7.10 25.07 42.36
CA VAL B 3 6.79 25.91 41.20
C VAL B 3 8.00 26.68 40.61
N GLU B 4 8.39 27.78 41.25
CA GLU B 4 9.46 28.64 40.74
C GLU B 4 10.81 28.43 41.44
N GLU B 5 10.93 27.29 42.12
CA GLU B 5 12.16 26.90 42.81
C GLU B 5 13.23 26.47 41.80
N ILE B 6 12.78 25.83 40.72
CA ILE B 6 13.68 25.29 39.71
C ILE B 6 14.33 26.40 38.88
N LEU B 7 13.54 27.42 38.53
CA LEU B 7 14.02 28.54 37.72
C LEU B 7 15.24 29.23 38.32
N GLU B 8 15.33 29.20 39.65
CA GLU B 8 16.48 29.74 40.39
C GLU B 8 17.74 28.97 40.03
N LYS B 9 17.68 27.65 40.22
CA LYS B 9 18.84 26.76 40.03
C LYS B 9 19.33 26.70 38.58
N ALA B 10 18.48 27.12 37.65
CA ALA B 10 18.81 27.11 36.22
C ALA B 10 19.60 28.35 35.81
N LEU B 11 19.24 29.49 36.41
CA LEU B 11 19.85 30.78 36.10
C LEU B 11 21.36 30.80 36.30
N GLU B 12 21.89 29.75 36.92
CA GLU B 12 23.32 29.60 37.11
C GLU B 12 23.99 29.26 35.80
N LEU B 13 23.33 28.42 35.00
CA LEU B 13 23.89 27.91 33.76
C LEU B 13 23.59 28.83 32.56
N VAL B 14 22.71 29.81 32.75
CA VAL B 14 22.32 30.72 31.67
C VAL B 14 23.01 32.10 31.73
N ILE B 15 23.01 32.72 32.91
CA ILE B 15 23.66 34.01 33.11
C ILE B 15 25.18 33.82 33.20
N PRO B 16 25.95 34.56 32.37
CA PRO B 16 27.40 34.47 32.38
C PRO B 16 28.03 35.12 33.60
N ASP B 17 29.10 34.52 34.10
CA ASP B 17 29.88 35.07 35.19
C ASP B 17 30.59 36.36 34.76
N GLU B 18 30.92 37.21 35.73
CA GLU B 18 31.50 38.52 35.46
C GLU B 18 32.77 38.51 34.60
N GLU B 19 33.60 37.48 34.75
CA GLU B 19 34.88 37.40 34.04
C GLU B 19 34.76 36.97 32.58
N GLU B 20 33.61 36.41 32.21
CA GLU B 20 33.27 36.20 30.80
C GLU B 20 32.71 37.50 30.24
N VAL B 21 31.89 38.16 31.06
CA VAL B 21 31.36 39.49 30.76
C VAL B 21 32.52 40.49 30.64
N ARG B 22 33.51 40.35 31.52
CA ARG B 22 34.67 41.23 31.59
C ARG B 22 35.62 41.06 30.40
N LYS B 23 35.69 39.83 29.89
CA LYS B 23 36.43 39.54 28.65
C LYS B 23 35.73 40.15 27.44
N GLY B 24 34.41 40.20 27.50
CA GLY B 24 33.58 40.71 26.42
C GLY B 24 33.49 42.22 26.36
N ARG B 25 33.59 42.87 27.51
CA ARG B 25 33.58 44.33 27.57
C ARG B 25 34.88 44.90 27.03
N GLU B 26 36.00 44.28 27.43
CA GLU B 26 37.33 44.69 26.98
C GLU B 26 37.54 44.36 25.49
N ALA B 27 36.63 43.58 24.94
CA ALA B 27 36.58 43.31 23.50
C ALA B 27 35.66 44.31 22.80
N GLU B 28 34.61 44.73 23.49
CA GLU B 28 33.64 45.70 22.97
C GLU B 28 34.28 47.06 22.73
N GLU B 29 35.06 47.52 23.71
CA GLU B 29 35.72 48.81 23.65
C GLU B 29 36.69 48.86 22.47
N GLU B 30 37.61 47.90 22.43
CA GLU B 30 38.60 47.78 21.37
C GLU B 30 38.00 47.91 19.97
N LEU B 31 36.76 47.42 19.83
CA LEU B 31 36.05 47.44 18.56
C LEU B 31 35.53 48.81 18.17
N ARG B 32 35.09 49.59 19.16
CA ARG B 32 34.62 50.95 18.91
C ARG B 32 35.79 51.81 18.44
N ARG B 33 36.94 51.59 19.07
CA ARG B 33 38.16 52.37 18.83
C ARG B 33 38.72 52.17 17.42
N ARG B 34 38.53 50.97 16.88
CA ARG B 34 39.01 50.62 15.54
C ARG B 34 38.08 51.20 14.46
N LEU B 35 36.78 51.14 14.73
CA LEU B 35 35.74 51.63 13.81
C LEU B 35 35.71 53.14 13.66
N ASP B 36 35.86 53.83 14.79
CA ASP B 36 35.86 55.29 14.81
C ASP B 36 37.14 55.85 14.21
N GLU B 37 38.26 55.15 14.44
CA GLU B 37 39.52 55.42 13.75
C GLU B 37 39.31 55.47 12.23
N LEU B 38 38.43 54.60 11.73
CA LEU B 38 38.08 54.55 10.31
C LEU B 38 36.87 55.43 9.91
N GLY B 39 36.28 56.12 10.90
CA GLY B 39 35.07 56.91 10.68
C GLY B 39 33.83 56.06 10.85
N VAL B 40 33.23 55.68 9.71
CA VAL B 40 32.20 54.62 9.59
C VAL B 40 31.08 54.55 10.65
N GLU B 41 29.84 54.72 10.17
CA GLU B 41 28.65 54.56 11.02
C GLU B 41 28.40 53.08 11.31
N TYR B 42 28.11 52.80 12.58
CA TYR B 42 27.98 51.43 13.07
C TYR B 42 26.94 51.36 14.17
N VAL B 43 25.95 50.50 13.99
CA VAL B 43 25.02 50.20 15.08
C VAL B 43 25.30 48.80 15.64
N PHE B 44 25.30 48.70 16.96
CA PHE B 44 25.38 47.42 17.65
C PHE B 44 23.98 46.87 17.83
N VAL B 45 23.78 45.64 17.38
CA VAL B 45 22.51 44.93 17.56
C VAL B 45 22.78 43.54 18.14
N GLY B 46 21.77 42.68 18.11
CA GLY B 46 21.94 41.30 18.54
C GLY B 46 21.80 41.08 20.04
N SER B 47 22.29 39.93 20.51
CA SER B 47 22.12 39.50 21.89
C SER B 47 22.99 40.26 22.89
N TYR B 48 24.25 40.49 22.53
CA TYR B 48 25.19 41.19 23.43
C TYR B 48 24.73 42.62 23.68
N ALA B 49 24.15 43.23 22.66
CA ALA B 49 23.63 44.59 22.76
C ALA B 49 22.33 44.65 23.57
N ARG B 50 21.91 43.50 24.10
CA ARG B 50 20.68 43.43 24.90
C ARG B 50 20.84 42.63 26.19
N ASN B 51 22.03 42.10 26.44
CA ASN B 51 22.33 41.34 27.67
C ASN B 51 21.54 40.04 27.79
N THR B 52 21.44 39.30 26.70
CA THR B 52 20.58 38.12 26.65
C THR B 52 21.30 36.89 26.10
N TRP B 53 22.62 36.82 26.27
CA TRP B 53 23.38 35.68 25.76
C TRP B 53 23.65 34.63 26.84
N LEU B 54 23.80 33.38 26.41
CA LEU B 54 24.02 32.28 27.33
C LEU B 54 25.43 32.29 27.90
N LYS B 55 25.59 31.68 29.07
CA LYS B 55 26.90 31.46 29.67
C LYS B 55 27.73 30.56 28.75
N GLY B 56 28.49 31.20 27.85
CA GLY B 56 29.30 30.48 26.87
C GLY B 56 28.99 30.82 25.42
N SER B 57 27.83 31.44 25.19
CA SER B 57 27.42 31.88 23.84
C SER B 57 27.79 33.35 23.62
N LEU B 58 29.04 33.68 23.91
CA LEU B 58 29.56 35.04 23.77
C LEU B 58 29.87 35.37 22.31
N GLU B 59 28.96 36.08 21.65
CA GLU B 59 29.17 36.59 20.30
C GLU B 59 28.69 38.03 20.18
N ILE B 60 29.44 38.85 19.45
CA ILE B 60 29.13 40.28 19.32
C ILE B 60 28.70 40.65 17.90
N ASP B 61 27.51 41.23 17.78
CA ASP B 61 26.96 41.61 16.49
C ASP B 61 27.07 43.11 16.23
N VAL B 62 27.76 43.44 15.14
CA VAL B 62 27.98 44.82 14.71
C VAL B 62 27.42 45.03 13.32
N PHE B 63 26.63 46.07 13.14
CA PHE B 63 26.03 46.36 11.85
C PHE B 63 26.57 47.65 11.27
N LEU B 64 26.99 47.59 10.01
CA LEU B 64 27.49 48.76 9.29
C LEU B 64 26.37 49.39 8.47
N LEU B 65 26.15 50.68 8.69
CA LEU B 65 25.07 51.41 8.02
C LEU B 65 25.58 52.21 6.82
N PHE B 66 25.29 51.71 5.63
CA PHE B 66 25.69 52.35 4.38
C PHE B 66 24.55 53.18 3.78
N PRO B 67 24.87 54.40 3.30
CA PRO B 67 23.89 55.21 2.57
C PRO B 67 23.39 54.47 1.33
N GLU B 68 22.10 54.63 1.02
CA GLU B 68 21.46 53.93 -0.09
C GLU B 68 22.08 54.18 -1.47
N GLU B 69 22.77 55.32 -1.61
CA GLU B 69 23.52 55.64 -2.83
C GLU B 69 24.31 54.43 -3.33
N PHE B 70 25.10 53.83 -2.43
CA PHE B 70 25.89 52.63 -2.76
C PHE B 70 24.99 51.44 -3.04
N SER B 71 25.23 50.80 -4.19
CA SER B 71 24.44 49.66 -4.66
C SER B 71 24.78 48.37 -3.92
N LYS B 72 24.01 47.32 -4.21
CA LYS B 72 24.12 46.02 -3.54
C LYS B 72 25.55 45.45 -3.62
N GLU B 73 26.19 45.62 -4.76
CA GLU B 73 27.55 45.10 -4.99
C GLU B 73 28.62 46.00 -4.35
N GLU B 74 28.39 47.30 -4.38
CA GLU B 74 29.27 48.29 -3.74
C GLU B 74 29.23 48.11 -2.23
N LEU B 75 28.03 47.81 -1.71
CA LEU B 75 27.76 47.57 -0.30
C LEU B 75 28.71 46.54 0.31
N ARG B 76 28.77 45.35 -0.30
CA ARG B 76 29.51 44.23 0.26
C ARG B 76 31.03 44.38 0.22
N GLU B 77 31.56 44.96 -0.85
CA GLU B 77 33.01 45.14 -0.97
C GLU B 77 33.55 46.07 0.12
N ARG B 78 32.83 47.14 0.41
CA ARG B 78 33.23 48.08 1.46
C ARG B 78 32.98 47.50 2.85
N GLY B 79 31.90 46.72 2.98
CA GLY B 79 31.56 46.04 4.23
C GLY B 79 32.56 44.97 4.59
N LEU B 80 33.09 44.32 3.56
CA LEU B 80 34.10 43.28 3.73
C LEU B 80 35.45 43.91 4.08
N GLU B 81 35.82 44.97 3.35
CA GLU B 81 37.08 45.68 3.57
C GLU B 81 37.16 46.25 4.98
N ILE B 82 36.04 46.79 5.47
CA ILE B 82 35.93 47.32 6.82
C ILE B 82 36.06 46.20 7.86
N GLY B 83 35.28 45.13 7.67
CA GLY B 83 35.32 43.98 8.55
C GLY B 83 36.67 43.29 8.61
N LYS B 84 37.39 43.26 7.49
CA LYS B 84 38.73 42.67 7.45
C LYS B 84 39.76 43.55 8.14
N ALA B 85 39.54 44.86 8.10
CA ALA B 85 40.44 45.82 8.73
C ALA B 85 39.89 46.31 10.07
N VAL B 86 39.38 45.35 10.86
CA VAL B 86 38.76 45.65 12.15
C VAL B 86 38.75 44.40 13.05
N LEU B 87 38.91 43.22 12.45
CA LEU B 87 39.06 41.97 13.22
C LEU B 87 40.48 41.41 13.10
N ASP B 88 41.00 40.88 14.21
CA ASP B 88 42.36 40.34 14.28
C ASP B 88 42.58 39.26 13.21
N SER B 89 41.93 38.12 13.38
CA SER B 89 41.78 37.18 12.27
C SER B 89 40.32 37.20 11.83
N TYR B 90 40.07 36.73 10.61
CA TYR B 90 38.72 36.78 10.04
C TYR B 90 38.38 35.56 9.20
N GLU B 91 37.09 35.31 9.07
CA GLU B 91 36.58 34.21 8.24
C GLU B 91 35.40 34.74 7.42
N ILE B 92 35.50 34.64 6.10
CA ILE B 92 34.37 35.02 5.25
C ILE B 92 33.77 33.76 4.65
N ARG B 93 32.50 33.52 4.98
CA ARG B 93 31.78 32.34 4.50
C ARG B 93 30.29 32.52 4.77
N TYR B 94 29.50 32.67 3.72
CA TYR B 94 28.08 32.97 3.86
C TYR B 94 27.24 32.38 2.72
N ALA B 95 25.91 32.41 2.88
CA ALA B 95 25.01 31.73 1.96
C ALA B 95 24.43 32.62 0.86
N GLU B 96 24.03 33.83 1.24
CA GLU B 96 23.59 34.86 0.28
C GLU B 96 24.00 36.26 0.70
N HIS B 97 23.90 36.56 2.00
CA HIS B 97 24.24 37.89 2.48
C HIS B 97 25.61 37.99 3.15
N PRO B 98 26.50 38.80 2.54
CA PRO B 98 27.92 39.01 2.91
C PRO B 98 28.17 39.52 4.32
N TYR B 99 29.09 38.87 5.04
CA TYR B 99 29.53 39.31 6.36
C TYR B 99 30.86 38.68 6.74
N VAL B 100 31.64 39.39 7.56
CA VAL B 100 32.88 38.87 8.10
C VAL B 100 32.69 38.38 9.53
N HIS B 101 33.16 37.17 9.82
CA HIS B 101 33.19 36.64 11.18
C HIS B 101 34.65 36.59 11.67
N GLY B 102 34.89 36.97 12.93
CA GLY B 102 36.24 36.99 13.47
C GLY B 102 36.38 37.13 14.99
N VAL B 103 37.61 37.37 15.43
CA VAL B 103 37.93 37.42 16.87
C VAL B 103 38.65 38.70 17.31
N VAL B 104 38.15 39.32 18.38
CA VAL B 104 38.76 40.49 18.98
C VAL B 104 39.11 40.18 20.45
N LYS B 105 40.40 40.32 20.78
CA LYS B 105 40.93 40.01 22.12
C LYS B 105 40.47 38.66 22.66
N GLY B 106 40.16 37.74 21.76
CA GLY B 106 39.66 36.40 22.09
C GLY B 106 38.15 36.26 22.19
N VAL B 107 37.41 37.10 21.46
CA VAL B 107 35.95 37.12 21.53
C VAL B 107 35.29 37.11 20.15
N GLU B 108 34.36 36.18 19.95
CA GLU B 108 33.61 36.00 18.69
C GLU B 108 32.92 37.30 18.26
N VAL B 109 33.16 37.70 17.02
CA VAL B 109 32.54 38.93 16.48
C VAL B 109 31.97 38.73 15.06
N ASP B 110 30.85 39.39 14.79
CA ASP B 110 30.27 39.45 13.46
C ASP B 110 30.17 40.89 12.98
N VAL B 111 30.67 41.14 11.77
CA VAL B 111 30.50 42.44 11.13
C VAL B 111 29.60 42.24 9.91
N VAL B 112 28.47 42.94 9.90
CA VAL B 112 27.47 42.75 8.86
C VAL B 112 27.03 44.08 8.22
N PRO B 113 27.42 44.31 6.95
CA PRO B 113 27.00 45.49 6.21
C PRO B 113 25.50 45.48 5.89
N CYS B 114 24.85 46.62 6.07
CA CYS B 114 23.43 46.76 5.72
C CYS B 114 23.10 48.22 5.33
N TYR B 115 21.81 48.51 5.19
CA TYR B 115 21.35 49.84 4.80
C TYR B 115 20.71 50.61 5.96
N LYS B 116 20.85 51.94 5.92
CA LYS B 116 20.11 52.84 6.82
C LYS B 116 18.86 53.32 6.10
N LEU B 117 17.73 53.25 6.79
CA LEU B 117 16.44 53.57 6.18
C LEU B 117 15.55 54.38 7.10
N LYS B 118 14.73 55.22 6.50
CA LYS B 118 13.48 55.63 7.13
C LYS B 118 12.46 54.64 6.61
N GLU B 119 11.56 54.17 7.48
CA GLU B 119 10.55 53.16 7.15
C GLU B 119 11.13 51.75 6.97
N PRO B 120 10.50 50.74 7.60
CA PRO B 120 10.95 49.37 7.42
C PRO B 120 10.37 48.68 6.18
N LYS B 121 9.06 48.85 5.95
CA LYS B 121 8.36 48.26 4.80
C LYS B 121 9.01 48.67 3.47
N ASN B 122 9.20 47.69 2.59
CA ASN B 122 10.01 47.81 1.37
C ASN B 122 11.51 47.78 1.64
N ILE B 123 11.98 46.57 1.95
CA ILE B 123 13.39 46.28 2.23
C ILE B 123 14.24 46.42 0.96
N LYS B 124 15.55 46.65 1.13
CA LYS B 124 16.49 46.64 0.01
C LYS B 124 17.26 45.32 -0.04
N SER B 125 18.12 45.08 0.96
CA SER B 125 18.78 43.78 1.11
C SER B 125 17.90 42.84 1.95
N ALA B 126 18.49 42.21 2.96
CA ALA B 126 17.80 41.15 3.72
C ALA B 126 17.77 41.40 5.22
N VAL B 127 18.86 41.95 5.75
CA VAL B 127 19.03 42.12 7.19
C VAL B 127 18.63 43.53 7.65
N ASP B 128 18.22 44.37 6.70
CA ASP B 128 17.83 45.77 6.96
C ASP B 128 16.81 45.94 8.09
N ARG B 129 16.08 44.86 8.37
CA ARG B 129 15.04 44.85 9.37
C ARG B 129 15.63 44.79 10.79
N THR B 130 16.87 44.33 10.88
CA THR B 130 17.51 44.00 12.15
C THR B 130 17.81 45.17 13.09
N PRO B 131 18.33 46.30 12.56
CA PRO B 131 18.50 47.48 13.42
C PRO B 131 17.15 47.94 13.95
N PHE B 132 16.17 48.01 13.05
CA PHE B 132 14.79 48.29 13.43
C PHE B 132 14.37 47.37 14.56
N HIS B 133 14.57 46.05 14.38
CA HIS B 133 14.27 45.05 15.40
C HIS B 133 14.77 45.48 16.77
N HIS B 134 16.03 45.88 16.83
CA HIS B 134 16.71 46.22 18.07
C HIS B 134 16.12 47.47 18.73
N LYS B 135 15.76 48.45 17.91
CA LYS B 135 15.22 49.72 18.40
C LYS B 135 13.75 49.57 18.84
N TRP B 136 13.16 48.43 18.54
CA TRP B 136 11.85 48.07 19.08
C TRP B 136 12.00 47.34 20.42
N LEU B 137 13.16 46.71 20.62
CA LEU B 137 13.44 45.90 21.81
C LEU B 137 14.24 46.61 22.91
N GLU B 138 14.97 47.68 22.56
CA GLU B 138 15.81 48.42 23.52
C GLU B 138 15.09 48.77 24.83
N GLY B 139 13.86 49.25 24.72
CA GLY B 139 13.10 49.70 25.88
C GLY B 139 11.96 48.81 26.30
N ARG B 140 11.75 47.70 25.58
CA ARG B 140 10.67 46.78 25.92
C ARG B 140 11.15 45.54 26.69
N ILE B 141 12.37 45.08 26.37
CA ILE B 141 12.93 43.89 27.02
C ILE B 141 13.70 44.25 28.29
N LYS B 142 13.83 45.55 28.56
CA LYS B 142 14.52 46.08 29.72
C LYS B 142 13.91 45.53 31.01
N GLY B 143 14.78 45.11 31.93
CA GLY B 143 14.31 44.57 33.21
C GLY B 143 14.76 43.14 33.44
N LYS B 144 13.80 42.26 33.73
CA LYS B 144 14.08 40.84 33.92
C LYS B 144 14.21 40.15 32.56
N GLU B 145 15.17 40.61 31.76
CA GLU B 145 15.45 39.98 30.46
C GLU B 145 16.12 38.61 30.62
N ASN B 146 16.17 38.13 31.86
CA ASN B 146 16.64 36.77 32.16
C ASN B 146 15.54 35.75 31.91
N GLU B 147 14.31 36.24 31.76
CA GLU B 147 13.18 35.40 31.34
C GLU B 147 13.39 34.97 29.89
N VAL B 148 14.26 35.67 29.18
CA VAL B 148 14.70 35.27 27.85
C VAL B 148 15.79 34.20 27.95
N ARG B 149 16.82 34.48 28.75
CA ARG B 149 17.97 33.58 28.89
C ARG B 149 17.60 32.21 29.45
N LEU B 150 16.48 32.13 30.17
CA LEU B 150 15.92 30.85 30.59
C LEU B 150 15.27 30.17 29.40
N LEU B 151 14.48 30.94 28.65
CA LEU B 151 13.82 30.43 27.45
C LEU B 151 14.84 29.89 26.46
N LYS B 152 15.89 30.68 26.21
CA LYS B 152 17.00 30.27 25.35
C LYS B 152 17.64 28.98 25.87
N GLY B 153 18.04 29.00 27.14
CA GLY B 153 18.65 27.84 27.79
C GLY B 153 17.77 26.61 27.69
N PHE B 154 16.47 26.82 27.88
CA PHE B 154 15.46 25.79 27.74
C PHE B 154 15.56 25.15 26.36
N LEU B 155 15.43 25.99 25.33
CA LEU B 155 15.45 25.52 23.94
C LEU B 155 16.79 24.96 23.50
N LYS B 156 17.88 25.52 24.03
CA LYS B 156 19.22 25.05 23.67
C LYS B 156 19.50 23.67 24.23
N ALA B 157 19.12 23.45 25.49
CA ALA B 157 19.29 22.13 26.12
C ALA B 157 18.55 21.04 25.36
N ASN B 158 17.43 21.41 24.73
CA ASN B 158 16.55 20.44 24.09
C ASN B 158 16.74 20.30 22.57
N GLY B 159 17.84 20.84 22.06
CA GLY B 159 18.19 20.68 20.65
C GLY B 159 17.34 21.47 19.66
N ILE B 160 16.51 22.37 20.17
CA ILE B 160 15.63 23.16 19.31
C ILE B 160 15.86 24.68 19.40
N TYR B 161 17.07 25.10 19.78
CA TYR B 161 17.32 26.55 19.82
C TYR B 161 17.35 27.17 18.42
N GLY B 162 18.50 27.50 17.88
CA GLY B 162 18.60 28.27 16.62
C GLY B 162 17.59 28.02 15.51
N ALA B 163 17.39 29.02 14.66
CA ALA B 163 16.43 28.95 13.55
C ALA B 163 17.08 28.67 12.19
N GLU B 164 18.37 28.38 12.18
CA GLU B 164 19.04 27.97 10.96
C GLU B 164 18.64 26.54 10.59
N TYR B 165 18.86 26.16 9.33
CA TYR B 165 18.38 24.89 8.81
C TYR B 165 18.80 23.63 9.55
N LYS B 166 20.04 23.60 10.04
CA LYS B 166 20.51 22.49 10.85
C LYS B 166 19.55 22.20 12.02
N VAL B 167 18.79 23.21 12.41
CA VAL B 167 17.92 23.09 13.58
C VAL B 167 16.42 23.23 13.24
N ARG B 168 16.07 24.23 12.43
CA ARG B 168 14.67 24.50 12.10
C ARG B 168 13.84 24.76 13.35
N GLY B 169 14.39 25.54 14.28
CA GLY B 169 13.74 25.80 15.55
C GLY B 169 13.53 27.26 15.86
N PHE B 170 13.74 27.61 17.13
CA PHE B 170 13.40 28.93 17.65
C PHE B 170 14.51 29.94 17.47
N SER B 171 14.22 31.00 16.72
CA SER B 171 15.14 32.12 16.57
C SER B 171 15.37 32.82 17.92
N GLY B 172 16.59 33.33 18.11
CA GLY B 172 16.94 34.09 19.31
C GLY B 172 15.99 35.26 19.55
N TYR B 173 15.76 36.04 18.51
CA TYR B 173 14.80 37.13 18.50
C TYR B 173 13.37 36.66 18.82
N LEU B 174 12.99 35.52 18.26
CA LEU B 174 11.69 34.90 18.53
C LEU B 174 11.49 34.68 20.02
N CYS B 175 12.59 34.46 20.74
CA CYS B 175 12.52 34.27 22.18
C CYS B 175 12.22 35.58 22.90
N GLU B 176 12.90 36.65 22.51
CA GLU B 176 12.72 37.95 23.15
C GLU B 176 11.32 38.54 22.92
N LEU B 177 10.69 38.16 21.81
CA LEU B 177 9.36 38.62 21.47
C LEU B 177 8.26 37.97 22.32
N LEU B 178 8.42 36.67 22.58
CA LEU B 178 7.44 35.93 23.36
C LEU B 178 7.41 36.41 24.82
N ILE B 179 8.58 36.77 25.32
CA ILE B 179 8.73 37.29 26.69
C ILE B 179 8.07 38.65 26.85
N VAL B 180 8.05 39.43 25.77
CA VAL B 180 7.29 40.68 25.71
C VAL B 180 5.80 40.38 25.61
N PHE B 181 5.45 39.37 24.83
CA PHE B 181 4.04 39.04 24.58
C PHE B 181 3.34 38.37 25.76
N TYR B 182 4.08 37.58 26.54
CA TYR B 182 3.47 36.88 27.68
C TYR B 182 3.81 37.46 29.05
N GLY B 183 5.02 37.99 29.20
CA GLY B 183 5.43 38.61 30.45
C GLY B 183 6.61 37.93 31.11
N SER B 184 6.63 36.60 31.06
CA SER B 184 7.72 35.82 31.63
C SER B 184 7.75 34.44 31.00
N PHE B 185 8.92 33.81 31.04
CA PHE B 185 9.15 32.45 30.52
C PHE B 185 8.14 31.43 31.05
N LEU B 186 7.94 31.42 32.35
CA LEU B 186 6.98 30.51 32.97
C LEU B 186 5.57 30.75 32.39
N GLU B 187 5.17 32.01 32.31
CA GLU B 187 3.86 32.36 31.74
C GLU B 187 3.80 32.03 30.24
N THR B 188 4.95 32.11 29.58
CA THR B 188 5.08 31.73 28.18
C THR B 188 4.93 30.22 28.04
N VAL B 189 5.54 29.48 28.97
CA VAL B 189 5.46 28.03 29.01
C VAL B 189 4.03 27.57 29.26
N LYS B 190 3.34 28.25 30.18
CA LYS B 190 1.93 27.96 30.47
C LYS B 190 1.07 28.04 29.21
N ASN B 191 1.26 29.09 28.42
CA ASN B 191 0.45 29.31 27.23
C ASN B 191 0.78 28.40 26.06
N ALA B 192 2.09 28.18 25.85
CA ALA B 192 2.60 27.39 24.74
C ALA B 192 1.97 26.01 24.63
N ARG B 193 1.44 25.53 25.76
CA ARG B 193 0.72 24.25 25.81
C ARG B 193 -0.56 24.28 24.96
N ARG B 194 -1.25 25.41 24.97
CA ARG B 194 -2.49 25.57 24.20
C ARG B 194 -2.27 25.83 22.70
N TRP B 195 -1.06 26.29 22.34
CA TRP B 195 -0.70 26.52 20.94
C TRP B 195 -1.07 25.37 20.01
N THR B 196 -1.69 25.70 18.88
CA THR B 196 -1.90 24.76 17.78
C THR B 196 -0.93 25.14 16.65
N ARG B 197 -1.10 24.52 15.48
CA ARG B 197 -0.35 24.91 14.29
C ARG B 197 -1.10 26.01 13.52
N ARG B 198 -2.23 26.42 14.07
CA ARG B 198 -3.05 27.47 13.47
C ARG B 198 -2.84 28.79 14.21
N THR B 199 -2.09 28.72 15.31
CA THR B 199 -1.86 29.85 16.21
C THR B 199 -1.12 31.02 15.55
N VAL B 200 -1.67 32.23 15.74
CA VAL B 200 -1.06 33.46 15.25
C VAL B 200 -0.90 34.42 16.42
N ILE B 201 0.35 34.78 16.72
CA ILE B 201 0.67 35.71 17.81
C ILE B 201 1.07 37.08 17.26
N ASP B 202 0.24 38.09 17.56
CA ASP B 202 0.50 39.45 17.10
C ASP B 202 0.99 40.35 18.23
N VAL B 203 2.31 40.34 18.44
CA VAL B 203 2.94 41.14 19.50
C VAL B 203 2.48 42.59 19.47
N ALA B 204 2.43 43.16 18.27
CA ALA B 204 2.00 44.54 18.05
C ALA B 204 0.61 44.79 18.60
N LYS B 205 -0.36 44.00 18.16
CA LYS B 205 -1.75 44.19 18.57
C LYS B 205 -2.17 43.45 19.84
N GLY B 206 -1.34 42.52 20.32
CA GLY B 206 -1.71 41.68 21.47
C GLY B 206 -2.78 40.66 21.14
N GLU B 207 -2.73 40.15 19.91
CA GLU B 207 -3.80 39.35 19.34
C GLU B 207 -3.38 37.90 19.14
N VAL B 208 -4.02 36.98 19.87
CA VAL B 208 -3.71 35.55 19.79
C VAL B 208 -4.73 34.86 18.88
N ARG B 209 -4.82 35.33 17.63
CA ARG B 209 -5.81 34.79 16.69
C ARG B 209 -5.40 33.46 16.03
N LYS B 210 -6.30 32.89 15.23
CA LYS B 210 -6.14 31.54 14.69
C LYS B 210 -6.18 31.56 13.17
N GLY B 211 -5.02 31.73 12.54
CA GLY B 211 -4.91 31.77 11.08
C GLY B 211 -4.64 30.41 10.46
N GLU B 212 -4.11 30.41 9.25
CA GLU B 212 -3.92 29.18 8.48
C GLU B 212 -2.61 28.44 8.76
N GLU B 213 -1.80 29.00 9.65
CA GLU B 213 -0.41 28.58 9.82
C GLU B 213 0.14 29.25 11.07
N PHE B 214 1.19 28.66 11.66
CA PHE B 214 1.84 29.27 12.81
C PHE B 214 2.62 30.52 12.36
N PHE B 215 2.23 31.68 12.89
CA PHE B 215 2.71 32.97 12.38
C PHE B 215 2.92 33.99 13.49
N VAL B 216 4.16 34.12 13.95
CA VAL B 216 4.51 35.19 14.88
C VAL B 216 4.77 36.45 14.06
N VAL B 217 3.78 37.35 14.07
CA VAL B 217 3.86 38.59 13.30
C VAL B 217 4.84 39.60 13.91
N ASP B 218 5.80 40.02 13.08
CA ASP B 218 6.87 40.93 13.48
C ASP B 218 6.32 42.33 13.68
N PRO B 219 6.64 42.95 14.84
CA PRO B 219 6.20 44.32 15.16
C PRO B 219 6.70 45.36 14.16
N VAL B 220 7.72 44.99 13.38
CA VAL B 220 8.36 45.91 12.43
C VAL B 220 7.86 45.69 11.00
N ASP B 221 7.36 44.49 10.72
CA ASP B 221 6.75 44.15 9.44
C ASP B 221 5.71 43.06 9.65
N GLU B 222 4.44 43.39 9.44
CA GLU B 222 3.34 42.47 9.71
C GLU B 222 3.12 41.39 8.64
N LYS B 223 3.76 41.56 7.48
CA LYS B 223 3.71 40.58 6.41
C LYS B 223 4.67 39.42 6.71
N ARG B 224 5.59 39.66 7.63
CA ARG B 224 6.74 38.78 7.88
C ARG B 224 6.58 37.96 9.17
N ASN B 225 6.79 36.65 9.03
CA ASN B 225 6.71 35.70 10.14
C ASN B 225 8.07 35.50 10.80
N VAL B 226 8.13 35.73 12.11
CA VAL B 226 9.37 35.55 12.88
C VAL B 226 9.65 34.09 13.14
N ALA B 227 8.61 33.27 13.04
CA ALA B 227 8.74 31.84 13.29
C ALA B 227 8.78 31.08 11.98
N ALA B 228 8.93 31.81 10.87
CA ALA B 228 8.82 31.25 9.52
C ALA B 228 9.71 30.04 9.23
N ASN B 229 10.76 29.83 10.01
CA ASN B 229 11.64 28.68 9.79
C ASN B 229 11.62 27.60 10.87
N LEU B 230 10.78 27.79 11.87
CA LEU B 230 10.54 26.76 12.87
C LEU B 230 9.60 25.75 12.25
N SER B 231 10.03 24.49 12.19
CA SER B 231 9.27 23.44 11.53
C SER B 231 8.07 22.99 12.36
N LEU B 232 7.11 22.35 11.71
CA LEU B 232 5.92 21.83 12.37
C LEU B 232 6.27 20.85 13.50
N ASP B 233 7.18 19.93 13.21
CA ASP B 233 7.61 18.92 14.18
C ASP B 233 8.36 19.52 15.34
N ASN B 234 9.22 20.50 15.06
CA ASN B 234 9.92 21.20 16.14
C ASN B 234 8.96 21.95 17.06
N LEU B 235 7.91 22.53 16.48
CA LEU B 235 6.86 23.18 17.27
C LEU B 235 6.20 22.16 18.19
N ALA B 236 5.79 21.03 17.62
CA ALA B 236 5.24 19.94 18.39
C ALA B 236 6.10 19.57 19.60
N ARG B 237 7.42 19.47 19.40
CA ARG B 237 8.34 19.04 20.45
C ARG B 237 8.31 20.00 21.63
N PHE B 238 8.37 21.29 21.34
CA PHE B 238 8.34 22.33 22.37
C PHE B 238 7.03 22.29 23.13
N VAL B 239 5.91 22.42 22.42
CA VAL B 239 4.56 22.38 23.01
C VAL B 239 4.39 21.19 23.97
N HIS B 240 4.98 20.06 23.62
CA HIS B 240 4.97 18.89 24.48
C HIS B 240 5.91 19.07 25.67
N LEU B 241 7.13 19.55 25.39
CA LEU B 241 8.15 19.73 26.41
C LEU B 241 7.67 20.62 27.55
N CYS B 242 7.00 21.70 27.18
CA CYS B 242 6.37 22.62 28.14
C CYS B 242 5.37 21.91 29.05
N ARG B 243 4.50 21.09 28.44
CA ARG B 243 3.54 20.27 29.18
C ARG B 243 4.24 19.35 30.17
N GLU B 244 5.31 18.70 29.70
CA GLU B 244 6.09 17.79 30.52
C GLU B 244 6.77 18.49 31.67
N PHE B 245 7.27 19.70 31.40
CA PHE B 245 7.91 20.51 32.42
C PHE B 245 6.90 21.02 33.45
N MET B 246 5.82 21.65 32.97
CA MET B 246 4.77 22.19 33.84
C MET B 246 4.31 21.17 34.88
N GLU B 247 3.98 19.96 34.43
CA GLU B 247 3.50 18.91 35.31
C GLU B 247 4.57 18.43 36.30
N ALA B 248 5.67 17.89 35.77
CA ALA B 248 6.79 17.47 36.61
C ALA B 248 8.04 18.24 36.21
N PRO B 249 8.35 19.33 36.93
CA PRO B 249 9.54 20.13 36.64
C PRO B 249 10.83 19.46 37.09
N SER B 250 11.93 19.84 36.44
CA SER B 250 13.26 19.33 36.75
C SER B 250 14.30 20.27 36.17
N LEU B 251 15.52 20.22 36.70
CA LEU B 251 16.62 21.00 36.15
C LEU B 251 17.13 20.38 34.85
N GLY B 252 16.82 19.09 34.66
CA GLY B 252 17.17 18.36 33.45
C GLY B 252 16.73 19.06 32.16
N PHE B 253 15.64 19.83 32.25
CA PHE B 253 15.14 20.61 31.12
C PHE B 253 16.05 21.77 30.72
N PHE B 254 17.12 21.99 31.49
CA PHE B 254 18.07 23.07 31.24
C PHE B 254 19.49 22.53 31.04
N LYS B 255 19.67 21.26 31.38
CA LYS B 255 20.92 20.58 31.14
C LYS B 255 20.85 19.87 29.79
N PRO B 256 21.89 20.02 28.96
CA PRO B 256 21.91 19.27 27.70
C PRO B 256 22.24 17.80 27.98
N LYS B 257 21.40 16.91 27.46
CA LYS B 257 21.62 15.47 27.61
C LYS B 257 22.93 15.09 26.91
N HIS B 258 23.73 14.21 27.54
CA HIS B 258 24.95 13.68 26.92
C HIS B 258 24.57 12.82 25.69
N PRO B 259 25.19 13.12 24.51
CA PRO B 259 24.74 12.66 23.18
C PRO B 259 24.52 11.14 23.05
N LEU B 260 24.85 10.40 24.10
CA LEU B 260 24.65 8.94 24.21
C LEU B 260 25.47 8.11 23.22
N GLU B 261 26.57 7.57 23.73
CA GLU B 261 27.45 6.65 23.02
C GLU B 261 27.01 5.20 23.31
N ILE B 262 26.52 4.52 22.29
CA ILE B 262 26.22 3.10 22.40
C ILE B 262 27.25 2.36 21.54
N GLU B 263 27.70 1.19 22.00
CA GLU B 263 28.69 0.41 21.25
C GLU B 263 28.07 -0.31 20.04
N PRO B 264 28.85 -0.43 18.94
CA PRO B 264 28.46 -1.16 17.73
C PRO B 264 27.75 -2.49 18.02
N GLU B 265 28.27 -3.25 18.97
CA GLU B 265 27.72 -4.56 19.35
C GLU B 265 26.26 -4.49 19.82
N ARG B 266 25.94 -3.48 20.61
CA ARG B 266 24.57 -3.25 21.10
C ARG B 266 23.64 -2.83 19.97
N LEU B 267 24.16 -2.01 19.06
CA LEU B 267 23.38 -1.53 17.92
C LEU B 267 23.00 -2.67 17.01
N ARG B 268 24.00 -3.45 16.60
CA ARG B 268 23.77 -4.65 15.81
C ARG B 268 22.68 -5.52 16.48
N LYS B 269 22.77 -5.68 17.80
CA LYS B 269 21.76 -6.41 18.57
C LYS B 269 20.36 -5.81 18.46
N ILE B 270 20.25 -4.49 18.62
CA ILE B 270 18.98 -3.77 18.45
C ILE B 270 18.45 -4.02 17.03
N VAL B 271 19.30 -3.82 16.03
CA VAL B 271 18.89 -3.95 14.65
C VAL B 271 18.44 -5.36 14.29
N GLU B 272 19.18 -6.36 14.77
CA GLU B 272 18.86 -7.75 14.45
C GLU B 272 17.55 -8.16 15.13
N GLU B 273 17.33 -7.66 16.34
CA GLU B 273 16.07 -7.87 17.05
C GLU B 273 14.92 -7.17 16.34
N ARG B 274 15.21 -6.00 15.78
CA ARG B 274 14.22 -5.25 15.01
C ARG B 274 13.86 -5.94 13.70
N GLY B 275 14.81 -6.68 13.13
CA GLY B 275 14.57 -7.47 11.92
C GLY B 275 14.48 -6.64 10.65
N THR B 276 14.90 -5.38 10.74
CA THR B 276 14.86 -4.44 9.62
C THR B 276 16.11 -4.44 8.74
N ALA B 277 16.03 -3.69 7.63
CA ALA B 277 17.15 -3.44 6.77
C ALA B 277 17.62 -2.03 7.08
N VAL B 278 18.84 -1.90 7.61
CA VAL B 278 19.43 -0.61 7.97
C VAL B 278 20.70 -0.42 7.17
N PHE B 279 20.77 0.69 6.44
CA PHE B 279 21.90 0.95 5.53
C PHE B 279 22.00 2.45 5.34
N ALA B 280 23.17 2.91 4.90
CA ALA B 280 23.39 4.31 4.60
C ALA B 280 23.93 4.57 3.19
N VAL B 281 23.68 5.78 2.68
CA VAL B 281 24.35 6.26 1.48
C VAL B 281 25.44 7.21 1.94
N LYS B 282 26.68 6.86 1.66
CA LYS B 282 27.83 7.64 2.09
C LYS B 282 28.50 8.23 0.88
N PHE B 283 28.76 9.53 0.93
CA PHE B 283 29.38 10.23 -0.18
C PHE B 283 30.15 11.42 0.36
N ARG B 284 30.97 12.01 -0.48
CA ARG B 284 31.84 13.09 -0.07
C ARG B 284 31.02 14.34 0.17
N LYS B 285 31.24 14.97 1.32
CA LYS B 285 30.55 16.20 1.69
C LYS B 285 31.00 17.32 0.77
N PRO B 286 30.06 17.98 0.07
CA PRO B 286 30.42 19.11 -0.76
C PRO B 286 30.83 20.33 0.08
N ASP B 287 31.82 21.07 -0.40
CA ASP B 287 32.35 22.21 0.35
C ASP B 287 31.39 23.40 0.32
N ILE B 288 30.33 23.33 1.12
CA ILE B 288 29.33 24.40 1.20
C ILE B 288 28.90 24.69 2.64
N VAL B 289 28.34 25.88 2.88
CA VAL B 289 27.84 26.26 4.21
C VAL B 289 26.64 25.40 4.64
N ASP B 290 26.36 25.43 5.94
CA ASP B 290 25.30 24.63 6.54
C ASP B 290 23.93 24.86 5.92
N ASP B 291 23.61 26.13 5.69
CA ASP B 291 22.31 26.55 5.19
C ASP B 291 22.06 26.21 3.72
N ASN B 292 23.12 25.82 3.01
CA ASN B 292 22.94 25.25 1.69
C ASN B 292 22.96 23.72 1.72
N LEU B 293 23.55 23.16 2.77
CA LEU B 293 23.76 21.73 2.86
C LEU B 293 22.53 21.03 3.42
N TYR B 294 22.13 21.42 4.62
CA TYR B 294 21.07 20.71 5.31
C TYR B 294 19.76 20.59 4.51
N PRO B 295 19.31 21.68 3.85
CA PRO B 295 18.12 21.51 3.02
C PRO B 295 18.36 20.53 1.88
N GLN B 296 19.58 20.49 1.35
CA GLN B 296 19.89 19.57 0.28
C GLN B 296 19.97 18.13 0.79
N LEU B 297 20.55 17.94 1.99
CA LEU B 297 20.59 16.64 2.63
C LEU B 297 19.19 16.12 2.93
N GLU B 298 18.25 17.04 3.05
CA GLU B 298 16.88 16.72 3.34
C GLU B 298 16.19 16.19 2.10
N ARG B 299 16.68 16.64 0.94
CA ARG B 299 15.94 16.52 -0.31
C ARG B 299 15.54 15.15 -0.85
N ALA B 300 16.40 14.28 -1.39
CA ALA B 300 17.77 13.88 -1.04
C ALA B 300 17.46 12.73 -0.12
N SER B 301 17.32 13.02 1.16
CA SER B 301 16.84 12.04 2.10
C SER B 301 15.38 11.68 1.78
N ARG B 302 14.58 12.69 1.40
CA ARG B 302 13.15 12.52 1.17
C ARG B 302 12.86 11.80 -0.13
N LYS B 303 13.61 12.15 -1.18
CA LYS B 303 13.37 11.61 -2.51
C LYS B 303 13.72 10.13 -2.56
N ILE B 304 14.77 9.75 -1.87
CA ILE B 304 15.13 8.35 -1.76
C ILE B 304 14.11 7.63 -0.88
N PHE B 305 13.59 8.34 0.13
CA PHE B 305 12.59 7.77 1.00
C PHE B 305 11.33 7.43 0.23
N GLU B 306 10.91 8.33 -0.66
CA GLU B 306 9.74 8.11 -1.50
C GLU B 306 9.99 7.02 -2.54
N PHE B 307 11.22 6.93 -3.04
CA PHE B 307 11.57 5.87 -3.95
C PHE B 307 11.34 4.56 -3.23
N LEU B 308 11.84 4.47 -2.02
CA LEU B 308 11.72 3.27 -1.23
C LEU B 308 10.28 2.89 -1.01
N GLU B 309 9.43 3.87 -0.71
CA GLU B 309 8.03 3.52 -0.48
C GLU B 309 7.28 3.10 -1.73
N ARG B 310 7.47 3.80 -2.84
CA ARG B 310 6.77 3.41 -4.07
C ARG B 310 7.37 2.12 -4.60
N GLU B 311 8.46 1.70 -3.98
CA GLU B 311 9.10 0.46 -4.40
C GLU B 311 8.81 -0.68 -3.45
N ASN B 312 7.87 -0.44 -2.54
CA ASN B 312 7.39 -1.45 -1.57
C ASN B 312 8.41 -2.04 -0.61
N PHE B 313 9.37 -1.24 -0.20
CA PHE B 313 10.33 -1.69 0.80
C PHE B 313 9.88 -1.25 2.18
N MET B 314 8.74 -0.55 2.22
CA MET B 314 8.13 -0.11 3.45
C MET B 314 9.15 0.53 4.40
N PRO B 315 9.70 1.69 4.01
CA PRO B 315 10.66 2.34 4.90
C PRO B 315 9.97 2.83 6.18
N LEU B 316 10.73 2.92 7.27
CA LEU B 316 10.19 3.31 8.56
C LEU B 316 10.46 4.77 8.87
N ARG B 317 11.73 5.15 8.79
CA ARG B 317 12.19 6.52 8.98
C ARG B 317 13.50 6.69 8.22
N SER B 318 13.93 7.95 8.14
CA SER B 318 15.21 8.30 7.57
C SER B 318 15.88 9.39 8.40
N ALA B 319 17.18 9.56 8.24
CA ALA B 319 17.96 10.57 8.94
C ALA B 319 19.23 10.83 8.17
N PHE B 320 19.96 11.88 8.54
CA PHE B 320 21.21 12.24 7.84
C PHE B 320 22.23 12.86 8.79
N LYS B 321 23.51 12.68 8.45
CA LYS B 321 24.61 13.17 9.29
C LYS B 321 25.68 13.82 8.41
N ALA B 322 26.17 14.98 8.84
CA ALA B 322 27.28 15.62 8.17
C ALA B 322 28.55 15.57 9.03
N SER B 323 29.65 15.10 8.42
CA SER B 323 30.94 15.03 9.08
C SER B 323 31.93 16.05 8.55
N GLU B 324 33.17 15.98 9.05
CA GLU B 324 34.29 16.65 8.41
C GLU B 324 34.25 16.41 6.91
N GLU B 325 34.46 15.15 6.50
CA GLU B 325 34.65 14.82 5.08
C GLU B 325 33.53 14.06 4.34
N PHE B 326 32.53 13.55 5.07
CA PHE B 326 31.47 12.72 4.47
C PHE B 326 30.07 13.07 4.91
N CYS B 327 29.09 12.65 4.11
CA CYS B 327 27.67 12.76 4.46
C CYS B 327 27.03 11.39 4.41
N TYR B 328 26.00 11.21 5.21
CA TYR B 328 25.33 9.91 5.31
C TYR B 328 23.84 10.10 5.27
N LEU B 329 23.21 9.43 4.32
CA LEU B 329 21.76 9.34 4.30
C LEU B 329 21.38 8.00 4.90
N LEU B 330 20.68 8.04 6.02
CA LEU B 330 20.39 6.84 6.79
C LEU B 330 18.97 6.34 6.58
N PHE B 331 18.83 5.05 6.33
CA PHE B 331 17.50 4.48 6.10
C PHE B 331 17.30 3.17 6.83
N GLU B 332 16.05 2.93 7.22
CA GLU B 332 15.60 1.66 7.76
C GLU B 332 14.29 1.23 7.13
N CYS B 333 14.26 0.01 6.59
CA CYS B 333 13.10 -0.52 5.88
C CYS B 333 12.67 -1.82 6.51
N GLN B 334 11.38 -2.12 6.36
CA GLN B 334 10.81 -3.31 6.95
C GLN B 334 11.08 -4.52 6.09
N ILE B 335 11.37 -4.27 4.81
CA ILE B 335 11.62 -5.35 3.88
C ILE B 335 13.10 -5.44 3.51
N LYS B 336 13.74 -6.54 3.87
CA LYS B 336 15.14 -6.74 3.58
C LYS B 336 15.29 -7.29 2.19
N GLU B 337 14.32 -8.10 1.76
CA GLU B 337 14.32 -8.66 0.41
C GLU B 337 12.93 -8.88 -0.12
N ILE B 338 12.71 -8.46 -1.35
CA ILE B 338 11.44 -8.66 -2.00
C ILE B 338 11.57 -9.70 -3.13
N SER B 339 10.45 -10.21 -3.61
CA SER B 339 10.48 -11.21 -4.66
C SER B 339 10.87 -10.57 -6.00
N ARG B 340 11.31 -11.40 -6.94
CA ARG B 340 11.62 -10.96 -8.28
C ARG B 340 10.34 -10.61 -9.02
N VAL B 341 9.32 -11.49 -8.94
CA VAL B 341 8.06 -11.20 -9.64
C VAL B 341 7.22 -10.20 -8.87
N PHE B 342 6.39 -9.48 -9.62
CA PHE B 342 5.36 -8.61 -9.09
C PHE B 342 4.23 -8.55 -10.12
N ARG B 343 3.07 -8.00 -9.74
CA ARG B 343 1.96 -7.91 -10.69
C ARG B 343 1.93 -6.55 -11.35
N ARG B 344 1.63 -6.55 -12.64
CA ARG B 344 1.40 -5.33 -13.37
C ARG B 344 -0.05 -5.33 -13.86
N MET B 345 -0.73 -4.22 -13.64
CA MET B 345 -2.12 -4.06 -14.04
C MET B 345 -2.20 -3.75 -15.52
N GLY B 346 -2.88 -4.61 -16.28
CA GLY B 346 -3.21 -4.34 -17.67
C GLY B 346 -4.62 -3.77 -17.85
N PRO B 347 -5.13 -3.79 -19.09
CA PRO B 347 -6.44 -3.20 -19.41
C PRO B 347 -7.62 -4.14 -19.10
N GLN B 348 -8.82 -3.57 -19.06
CA GLN B 348 -10.04 -4.33 -18.97
C GLN B 348 -10.23 -5.14 -20.22
N PHE B 349 -10.84 -6.31 -20.06
CA PHE B 349 -10.93 -7.27 -21.15
C PHE B 349 -11.61 -6.76 -22.43
N GLU B 350 -12.53 -5.80 -22.29
CA GLU B 350 -13.34 -5.32 -23.43
C GLU B 350 -12.48 -4.57 -24.42
N ASP B 351 -11.47 -3.88 -23.90
CA ASP B 351 -10.64 -2.98 -24.70
C ASP B 351 -9.66 -3.75 -25.59
N GLU B 352 -10.19 -4.33 -26.66
CA GLU B 352 -9.47 -5.33 -27.44
C GLU B 352 -8.11 -4.89 -28.04
N ARG B 353 -7.98 -3.61 -28.44
CA ARG B 353 -6.73 -3.13 -29.00
C ARG B 353 -5.63 -3.05 -27.96
N ASN B 354 -5.93 -2.48 -26.81
CA ASN B 354 -4.96 -2.36 -25.72
C ASN B 354 -4.66 -3.70 -25.05
N VAL B 355 -5.57 -4.66 -25.16
CA VAL B 355 -5.29 -6.01 -24.75
C VAL B 355 -4.23 -6.63 -25.66
N LYS B 356 -4.31 -6.39 -26.96
CA LYS B 356 -3.32 -6.90 -27.91
C LYS B 356 -1.92 -6.39 -27.61
N LYS B 357 -1.81 -5.08 -27.40
CA LYS B 357 -0.54 -4.48 -27.09
C LYS B 357 0.02 -5.06 -25.79
N PHE B 358 -0.84 -5.18 -24.78
CA PHE B 358 -0.42 -5.59 -23.46
C PHE B 358 0.07 -7.02 -23.53
N LEU B 359 -0.68 -7.86 -24.24
CA LEU B 359 -0.34 -9.27 -24.38
C LEU B 359 0.80 -9.53 -25.39
N SER B 360 1.20 -8.52 -26.14
CA SER B 360 2.26 -8.73 -27.13
C SER B 360 3.67 -8.51 -26.59
N ARG B 361 3.79 -8.06 -25.33
CA ARG B 361 5.11 -7.82 -24.74
C ARG B 361 5.65 -9.15 -24.23
N ASN B 362 6.94 -9.40 -24.44
CA ASN B 362 7.52 -10.66 -23.98
C ASN B 362 7.79 -10.69 -22.49
N ARG B 363 7.18 -11.68 -21.83
CA ARG B 363 7.34 -11.90 -20.40
C ARG B 363 7.69 -13.36 -20.16
N ALA B 364 8.17 -13.67 -18.97
CA ALA B 364 8.57 -15.05 -18.64
C ALA B 364 7.38 -15.93 -18.28
N PHE B 365 6.24 -15.30 -17.97
CA PHE B 365 5.08 -16.00 -17.44
C PHE B 365 3.82 -15.50 -18.11
N ARG B 366 2.86 -16.42 -18.28
CA ARG B 366 1.66 -16.15 -19.03
C ARG B 366 0.79 -15.16 -18.23
N PRO B 367 0.34 -14.05 -18.87
CA PRO B 367 -0.60 -13.16 -18.16
C PRO B 367 -1.91 -13.85 -17.79
N PHE B 368 -2.75 -13.18 -17.00
CA PHE B 368 -3.97 -13.76 -16.48
C PHE B 368 -5.03 -12.69 -16.27
N ILE B 369 -6.28 -13.11 -16.12
CA ILE B 369 -7.40 -12.21 -15.87
C ILE B 369 -7.85 -12.35 -14.41
N GLU B 370 -8.24 -11.23 -13.81
CA GLU B 370 -8.71 -11.14 -12.45
C GLU B 370 -9.63 -9.93 -12.35
N ASN B 371 -10.90 -10.17 -12.02
CA ASN B 371 -11.93 -9.11 -11.97
C ASN B 371 -12.03 -8.23 -13.22
N GLY B 372 -11.87 -8.82 -14.39
CA GLY B 372 -12.06 -8.09 -15.64
C GLY B 372 -10.88 -7.38 -16.29
N ARG B 373 -9.69 -7.44 -15.65
CA ARG B 373 -8.36 -7.14 -16.25
C ARG B 373 -7.70 -8.51 -16.06
N TRP B 374 -6.84 -9.04 -16.93
CA TRP B 374 -5.60 -8.53 -17.52
C TRP B 374 -4.58 -7.92 -16.57
N TRP B 375 -3.78 -8.84 -16.03
CA TRP B 375 -2.62 -8.55 -15.23
C TRP B 375 -1.44 -9.38 -15.76
N ALA B 376 -0.24 -8.87 -15.58
CA ALA B 376 0.94 -9.63 -15.96
C ALA B 376 1.91 -9.74 -14.80
N PHE B 377 2.58 -10.89 -14.73
CA PHE B 377 3.75 -11.06 -13.91
C PHE B 377 4.95 -10.44 -14.61
N GLU B 378 5.66 -9.57 -13.91
CA GLU B 378 6.84 -8.88 -14.43
C GLU B 378 8.00 -9.23 -13.50
N MET B 379 9.24 -9.00 -13.94
CA MET B 379 10.44 -9.26 -13.09
C MET B 379 11.17 -7.96 -12.75
N ARG B 380 11.60 -7.83 -11.48
CA ARG B 380 12.30 -6.63 -10.99
C ARG B 380 13.78 -6.67 -11.35
N LYS B 381 14.41 -5.49 -11.45
CA LYS B 381 15.88 -5.42 -11.62
C LYS B 381 16.64 -5.65 -10.31
N PHE B 382 15.98 -5.37 -9.18
CA PHE B 382 16.59 -5.46 -7.87
C PHE B 382 15.63 -6.07 -6.85
N THR B 383 16.17 -6.68 -5.81
CA THR B 383 15.33 -7.37 -4.81
C THR B 383 15.58 -6.91 -3.36
N THR B 384 16.55 -6.01 -3.17
CA THR B 384 16.88 -5.51 -1.84
C THR B 384 16.87 -3.97 -1.86
N PRO B 385 16.51 -3.33 -0.74
CA PRO B 385 16.50 -1.85 -0.65
C PRO B 385 17.86 -1.25 -0.99
N GLU B 386 18.92 -1.87 -0.51
CA GLU B 386 20.26 -1.41 -0.82
C GLU B 386 20.51 -1.52 -2.32
N GLU B 387 20.14 -2.66 -2.91
CA GLU B 387 20.24 -2.93 -4.36
C GLU B 387 19.46 -1.82 -5.09
N GLY B 388 18.31 -1.46 -4.51
CA GLY B 388 17.40 -0.53 -5.14
C GLY B 388 17.90 0.90 -5.13
N VAL B 389 18.38 1.34 -3.98
CA VAL B 389 18.89 2.70 -3.86
C VAL B 389 20.19 2.90 -4.67
N ARG B 390 21.03 1.87 -4.78
CA ARG B 390 22.20 1.91 -5.66
C ARG B 390 21.79 2.37 -7.06
N SER B 391 20.66 1.86 -7.54
CA SER B 391 20.14 2.20 -8.85
C SER B 391 19.55 3.62 -8.89
N TYR B 392 18.66 3.92 -7.95
CA TYR B 392 17.95 5.21 -7.95
C TYR B 392 18.90 6.39 -7.83
N ALA B 393 19.85 6.32 -6.90
CA ALA B 393 20.85 7.35 -6.73
C ALA B 393 21.72 7.50 -7.98
N SER B 394 22.08 6.39 -8.60
CA SER B 394 22.83 6.41 -9.86
C SER B 394 22.11 7.16 -10.99
N THR B 395 20.80 6.97 -11.08
CA THR B 395 20.05 7.51 -12.21
C THR B 395 19.39 8.84 -11.89
N HIS B 396 19.11 9.08 -10.61
CA HIS B 396 18.37 10.27 -10.22
C HIS B 396 19.20 11.19 -9.35
N TRP B 397 20.51 11.21 -9.55
CA TRP B 397 21.39 12.08 -8.78
C TRP B 397 20.97 13.56 -8.90
N HIS B 398 20.52 13.95 -10.09
CA HIS B 398 20.17 15.34 -10.38
C HIS B 398 18.95 15.85 -9.62
N THR B 399 18.10 14.95 -9.16
CA THR B 399 16.93 15.38 -8.41
C THR B 399 17.23 15.46 -6.91
N LEU B 400 18.47 15.14 -6.54
CA LEU B 400 18.86 15.04 -5.12
C LEU B 400 19.60 16.25 -4.53
N GLY B 401 19.32 17.45 -5.04
CA GLY B 401 19.97 18.65 -4.53
C GLY B 401 21.13 19.00 -5.42
N LYS B 402 21.38 20.29 -5.61
CA LYS B 402 22.38 20.76 -6.57
C LYS B 402 23.78 20.17 -6.34
N ASN B 403 24.23 20.15 -5.09
CA ASN B 403 25.59 19.74 -4.79
C ASN B 403 25.61 18.32 -4.26
N VAL B 404 24.73 18.05 -3.31
CA VAL B 404 24.59 16.70 -2.82
C VAL B 404 24.50 15.78 -4.02
N GLY B 405 23.60 16.13 -4.95
CA GLY B 405 23.42 15.41 -6.22
C GLY B 405 24.66 15.31 -7.08
N GLU B 406 25.33 16.44 -7.31
CA GLU B 406 26.59 16.45 -8.05
C GLU B 406 27.62 15.54 -7.38
N SER B 407 27.66 15.57 -6.05
CA SER B 407 28.58 14.72 -5.29
C SER B 407 28.24 13.25 -5.43
N ILE B 408 26.96 12.92 -5.30
CA ILE B 408 26.51 11.52 -5.46
C ILE B 408 26.84 11.04 -6.87
N ARG B 409 26.69 11.93 -7.86
CA ARG B 409 26.95 11.59 -9.25
C ARG B 409 28.35 11.03 -9.47
N GLU B 410 29.34 11.66 -8.86
CA GLU B 410 30.71 11.22 -9.07
C GLU B 410 31.11 10.05 -8.19
N TYR B 411 30.50 9.94 -7.02
CA TYR B 411 30.77 8.79 -6.15
C TYR B 411 29.90 8.70 -4.92
N PHE B 412 29.49 7.48 -4.61
CA PHE B 412 28.87 7.15 -3.33
C PHE B 412 29.08 5.67 -3.10
N GLU B 413 28.91 5.24 -1.87
CA GLU B 413 28.82 3.82 -1.61
C GLU B 413 27.68 3.52 -0.66
N ILE B 414 27.27 2.26 -0.60
CA ILE B 414 26.19 1.85 0.27
C ILE B 414 26.74 0.99 1.38
N ILE B 415 26.57 1.49 2.60
CA ILE B 415 27.13 0.85 3.79
C ILE B 415 25.99 0.20 4.57
N SER B 416 26.15 -1.06 4.94
CA SER B 416 25.14 -1.76 5.73
C SER B 416 25.75 -2.77 6.67
N GLY B 417 24.92 -3.28 7.58
CA GLY B 417 25.34 -4.28 8.54
C GLY B 417 26.60 -3.89 9.29
N GLU B 418 27.51 -4.84 9.37
CA GLU B 418 28.74 -4.72 10.16
C GLU B 418 29.55 -3.47 9.85
N LYS B 419 29.73 -3.17 8.56
CA LYS B 419 30.56 -2.05 8.13
C LYS B 419 30.01 -0.70 8.60
N LEU B 420 28.70 -0.63 8.83
CA LEU B 420 27.99 0.62 9.12
C LEU B 420 28.18 1.14 10.55
N PHE B 421 28.13 0.24 11.53
CA PHE B 421 28.22 0.59 12.95
C PHE B 421 29.60 1.11 13.32
N LYS B 422 30.52 1.09 12.36
CA LYS B 422 31.86 1.62 12.55
C LYS B 422 31.96 3.07 12.06
N GLU B 423 31.01 3.48 11.23
CA GLU B 423 30.87 4.88 10.81
C GLU B 423 30.32 5.73 11.96
N PRO B 424 30.61 7.06 11.97
CA PRO B 424 30.14 7.97 13.03
C PRO B 424 28.65 8.35 12.91
N VAL B 425 27.78 7.34 12.90
CA VAL B 425 26.35 7.58 12.68
C VAL B 425 25.47 7.00 13.79
N THR B 426 26.08 6.56 14.90
CA THR B 426 25.32 5.79 15.90
C THR B 426 24.32 6.63 16.68
N ALA B 427 24.66 7.89 16.98
CA ALA B 427 23.71 8.81 17.62
C ALA B 427 22.46 8.95 16.76
N GLU B 428 22.65 9.15 15.45
CA GLU B 428 21.56 9.29 14.49
C GLU B 428 20.70 8.05 14.38
N LEU B 429 21.34 6.89 14.34
CA LEU B 429 20.64 5.61 14.33
C LEU B 429 19.82 5.38 15.61
N CYS B 430 20.32 5.87 16.73
CA CYS B 430 19.61 5.75 17.98
C CYS B 430 18.36 6.63 18.02
N GLU B 431 18.52 7.90 17.64
CA GLU B 431 17.39 8.82 17.53
C GLU B 431 16.35 8.27 16.55
N MET B 432 16.83 7.80 15.41
CA MET B 432 16.01 7.26 14.35
C MET B 432 15.17 6.07 14.83
N MET B 433 15.82 5.11 15.49
CA MET B 433 15.15 3.88 15.91
C MET B 433 14.47 4.03 17.26
N GLY B 434 14.56 5.23 17.83
CA GLY B 434 14.07 5.50 19.17
C GLY B 434 14.70 4.54 20.15
N VAL B 435 16.01 4.40 20.12
CA VAL B 435 16.68 3.55 21.09
C VAL B 435 16.66 4.30 22.42
N LYS B 436 16.51 3.53 23.49
CA LYS B 436 16.22 4.07 24.80
C LYS B 436 16.99 3.30 25.86
N ASP B 437 17.75 4.04 26.67
CA ASP B 437 18.36 3.51 27.88
C ASP B 437 18.91 4.67 28.69
N1 CTP E . -31.22 -25.46 -16.19
C2 CTP E . -31.19 -24.08 -16.05
N3 CTP E . -30.11 -23.48 -15.43
C4 CTP E . -29.10 -24.24 -14.83
C5 CTP E . -29.19 -25.63 -14.90
C6 CTP E . -30.20 -26.21 -15.65
O2 CTP E . -32.08 -23.33 -16.46
N4 CTP E . -28.09 -23.64 -14.18
C1' CTP E . -32.34 -26.17 -16.85
C2' CTP E . -32.29 -25.97 -18.36
O2' CTP E . -33.62 -25.81 -18.78
C3' CTP E . -31.68 -27.25 -18.90
C4' CTP E . -32.15 -28.29 -17.89
O4' CTP E . -32.24 -27.58 -16.66
O3' CTP E . -32.08 -27.53 -20.22
C5' CTP E . -31.21 -29.48 -17.73
O5' CTP E . -29.95 -29.02 -17.34
PA CTP E . -28.64 -29.97 -17.27
O1A CTP E . -29.08 -31.41 -17.15
O2A CTP E . -27.78 -29.55 -16.11
O3A CTP E . -27.81 -29.78 -18.65
PB CTP E . -28.49 -29.78 -20.11
O1B CTP E . -29.18 -28.44 -20.26
O2B CTP E . -29.43 -30.95 -20.27
O3B CTP E . -27.30 -29.86 -21.22
PG CTP E . -25.94 -30.70 -21.00
O1G CTP E . -26.34 -31.99 -20.34
O2G CTP E . -25.24 -31.03 -22.31
O3G CTP E . -25.04 -29.89 -20.09
S SO4 F . -16.86 -11.01 4.87
O1 SO4 F . -17.37 -11.67 3.67
O2 SO4 F . -15.70 -10.21 4.49
O3 SO4 F . -17.89 -10.16 5.46
O4 SO4 F . -16.47 -12.01 5.85
S SO4 G . -44.24 -20.58 -27.49
O1 SO4 G . -43.98 -20.67 -28.92
O2 SO4 G . -43.84 -19.27 -26.95
O3 SO4 G . -45.68 -20.77 -27.28
O4 SO4 G . -43.50 -21.65 -26.82
S SO4 H . -46.75 -37.89 -11.03
O1 SO4 H . -47.30 -39.13 -10.48
O2 SO4 H . -45.46 -38.14 -11.66
O3 SO4 H . -47.71 -37.37 -11.98
O4 SO4 H . -46.54 -36.91 -9.97
S SO4 I . -18.48 -12.55 -10.66
O1 SO4 I . -18.50 -11.31 -9.87
O2 SO4 I . -18.47 -13.76 -9.82
O3 SO4 I . -19.68 -12.59 -11.49
O4 SO4 I . -17.27 -12.55 -11.45
S SO4 J . -24.39 -32.32 1.62
O1 SO4 J . -25.83 -32.03 1.47
O2 SO4 J . -23.93 -31.88 2.93
O3 SO4 J . -24.19 -33.77 1.46
O4 SO4 J . -23.63 -31.60 0.61
C1 EDO K . -38.82 -16.68 -32.94
O1 EDO K . -39.67 -16.38 -31.84
C2 EDO K . -37.55 -17.36 -32.42
O2 EDO K . -37.18 -18.47 -33.27
C1 EDO L . 3.06 0.32 8.54
O1 EDO L . 4.10 -0.12 9.43
C2 EDO L . 2.63 -0.85 7.67
O2 EDO L . 1.45 -1.45 8.24
CA CA M . -28.41 -33.63 -18.46
N1 CTP N . 17.51 37.82 13.20
C2 CTP N . 16.34 37.64 12.47
N3 CTP N . 16.11 36.43 11.84
C4 CTP N . 16.69 35.30 12.39
C5 CTP N . 17.69 35.43 13.36
C6 CTP N . 18.19 36.70 13.62
O2 CTP N . 15.48 38.51 12.37
N4 CTP N . 16.29 34.09 12.00
C1' CTP N . 17.96 39.16 13.66
C2' CTP N . 17.26 39.55 14.95
O2' CTP N . 16.89 40.92 14.87
C3' CTP N . 18.28 39.31 16.04
C4' CTP N . 19.58 39.57 15.30
O4' CTP N . 19.35 39.17 13.96
O3' CTP N . 18.14 40.17 17.15
C5' CTP N . 20.72 38.78 15.91
O5' CTP N . 20.46 37.41 15.78
PA CTP N . 21.68 36.36 15.93
O1A CTP N . 22.97 37.12 16.09
O2A CTP N . 21.70 35.45 14.72
O3A CTP N . 21.36 35.53 17.28
PB CTP N . 21.06 36.28 18.68
O1B CTP N . 19.80 37.11 18.52
O2B CTP N . 22.23 37.15 19.08
O3B CTP N . 20.82 35.10 19.73
PG CTP N . 22.05 34.39 20.48
O1G CTP N . 23.05 35.43 20.90
O2G CTP N . 21.57 33.66 21.72
O3G CTP N . 22.70 33.40 19.56
S SO4 O . 9.91 17.23 -5.73
O1 SO4 O . 9.98 18.46 -4.94
O2 SO4 O . 9.44 16.14 -4.87
O3 SO4 O . 9.00 17.44 -6.84
O4 SO4 O . 11.22 16.90 -6.27
C1 EDO P . -14.44 0.80 -14.01
O1 EDO P . -14.87 -0.54 -14.29
C2 EDO P . -14.04 0.91 -12.54
O2 EDO P . -12.65 0.66 -12.41
#